data_8GP7
#
_entry.id   8GP7
#
loop_
_entity.id
_entity.type
_entity.pdbx_description
1 polymer "DNA (5'-D(*GP*GP*GP*GP*CP*GP*GP*GP*GP*CP*GP*GP*GP*GP*CP*GP*GP*GP*GP*T)-3')"
2 non-polymer 'Trioxacarcin A, bound form'
#
_entity_poly.entity_id   1
_entity_poly.type   'polydeoxyribonucleotide'
_entity_poly.pdbx_seq_one_letter_code
;(DG)(DG)(DG)(DG)(DC)(DG)(DG)(DG)(DG)(DC)(DG)(DG)(DG)(DG)(DC)(DG)(DG)(DG)(DG)(DT)
;
_entity_poly.pdbx_strand_id   A
#
loop_
_chem_comp.id
_chem_comp.type
_chem_comp.name
_chem_comp.formula
DC DNA linking 2'-DEOXYCYTIDINE-5'-MONOPHOSPHATE 'C9 H14 N3 O7 P'
DG DNA linking 2'-DEOXYGUANOSINE-5'-MONOPHOSPHATE 'C10 H14 N5 O7 P'
DT DNA linking THYMIDINE-5'-MONOPHOSPHATE 'C10 H15 N2 O8 P'
JOC non-polymer 'Trioxacarcin A, bound form' 'C42 H54 O20'
#
# COMPACT_ATOMS: atom_id res chain seq x y z
O44 JOC B . 7.79 -2.11 3.31
C48 JOC B . 7.40 -1.31 2.47
C47 JOC B . 8.35 -0.35 1.74
C44 JOC B . 5.92 -1.17 2.10
O43 JOC B . 5.16 -2.18 2.80
C43 JOC B . 5.75 -1.38 0.60
O42 JOC B . 6.94 -1.98 0.06
C42 JOC B . 5.51 -0.03 -0.05
C45 JOC B . 5.42 0.21 2.50
C46 JOC B . 5.31 0.27 4.02
O41 JOC B . 4.14 0.45 1.90
C41 JOC B . 4.23 0.57 0.47
O11 JOC B . 4.18 1.97 0.12
C13 JOC B . 2.91 2.52 0.50
C14 JOC B . 2.67 3.82 -0.23
C17 JOC B . 1.39 3.79 -1.06
O12 JOC B . 3.79 4.17 -1.05
C15 JOC B . 2.53 4.78 0.93
O8 JOC B . 3.53 4.29 1.83
C12 JOC B . 2.95 3.00 1.94
C16 JOC B . 2.72 6.25 0.50
O9 JOC B . 3.80 6.82 1.25
C33 JOC B . 3.30 7.86 2.09
O10 JOC B . 3.00 6.32 -0.89
C32 JOC B . 4.22 7.03 -1.09
O7 JOC B . 1.28 4.56 1.62
C11 JOC B . 1.56 3.39 2.40
C7 JOC B . 0.65 2.38 2.10
C6 JOC B . -0.59 2.38 2.73
C31 JOC B . -0.86 3.29 3.74
O6 JOC B . 1.84 1.59 0.23
C8 JOC B . 1.01 1.33 1.27
C25 JOC B . 0.10 0.31 1.00
C26 JOC B . -1.16 0.33 1.59
C5 JOC B . -1.50 1.35 2.47
C10 JOC B . -2.16 -0.50 1.11
O4 JOC B . -3.44 -0.19 1.41
C30 JOC B . -3.83 -0.82 2.65
C28 JOC B . -1.95 -1.33 0.01
C27 JOC B . -0.69 -1.35 -0.58
C9 JOC B . 0.31 -0.54 -0.08
O5 JOC B . 1.59 -0.99 -0.22
C4 JOC B . -2.89 -2.29 -0.33
C3 JOC B . -2.15 -3.54 -0.82
C2 JOC B . -1.31 -3.17 -2.03
O2 JOC B . -0.53 -4.31 -2.41
C1 JOC B . -0.45 -2.13 -1.71
O3 JOC B . 0.53 -1.91 -2.41
O1 JOC B . -3.74 -1.81 -1.38
C1' JOC B . -5.10 -2.14 -1.08
O1' JOC B . -5.28 -3.57 -1.15
C5' JOC B . -4.86 -4.03 -2.44
C9' JOC B . -4.89 -5.56 -2.47
C4' JOC B . -5.79 -3.49 -3.50
C3' JOC B . -5.72 -1.96 -3.49
O2' JOC B . -4.39 -1.54 -3.87
C8' JOC B . -6.75 -1.40 -4.47
C2' JOC B . -6.03 -1.46 -2.08
O3' JOC B . -7.13 -3.90 -3.22
C6' JOC B . -7.54 -4.79 -4.17
O4' JOC B . -7.24 -4.72 -5.35
C7' JOC B . -8.44 -5.91 -3.65
H47 JOC B . 9.35 -0.80 1.70
H47A JOC B . 8.40 0.59 2.28
H47B JOC B . 7.99 -0.18 0.73
HO43 JOC B . 4.53 -1.73 3.43
H43 JOC B . 4.89 -2.02 0.41
HO42 JOC B . 6.69 -2.78 -0.49
H42 JOC B . 5.44 -0.15 -1.13
H42A JOC B . 6.35 0.64 0.17
H45 JOC B . 6.13 0.95 2.16
H46A JOC B . 4.25 0.27 4.30
H46B JOC B . 5.77 1.20 4.37
H46 JOC B . 5.80 -0.58 4.47
H41 JOC B . 3.38 0.06 0.03
H1 JOC B . 1.57 4.33 -2.00
H17 JOC B . 0.59 4.30 -0.52
HCG JOC B . 4.07 3.38 -1.60
H12 JOC B . 3.46 2.33 2.63
H16 JOC B . 1.80 6.80 0.72
H33A JOC B . 4.10 8.58 2.26
H33B JOC B . 2.97 7.43 3.04
H33 JOC B . 2.47 8.36 1.60
H32 JOC B . 4.07 8.08 -0.86
H32A JOC B . 4.53 6.93 -2.13
H32B JOC B . 4.99 6.60 -0.44
H11 JOC B . 1.53 3.62 3.46
H31A JOC B . -1.92 3.52 3.75
H31B JOC B . -0.28 4.21 3.55
H31 JOC B . -0.57 2.87 4.69
H5 JOC B . -2.49 1.39 2.90
H30A JOC B . -4.74 -0.35 3.04
H30B JOC B . -3.03 -0.72 3.37
H30 JOC B . -4.03 -1.88 2.46
HO5 JOC B . 1.84 -0.98 -1.19
H4 JOC B . -3.49 -2.55 0.55
H3A JOC B . -1.51 -3.90 -0.02
H3 JOC B . -2.88 -4.31 -1.08
H2 JOC B . -1.96 -2.88 -2.85
HO2 JOC B . -0.37 -4.88 -1.62
H1' JOC B . -5.34 -1.79 -0.08
H5' JOC B . -3.84 -3.69 -2.64
H9'B JOC B . -5.86 -5.90 -2.83
H9' JOC B . -4.73 -5.95 -1.46
H9'A JOC B . -4.11 -5.93 -3.13
H4' JOC B . -5.49 -3.85 -4.49
HO2' JOC B . -4.10 -2.07 -4.67
H8' JOC B . -7.75 -1.62 -4.13
H8'A JOC B . -6.60 -1.86 -5.45
H8'B JOC B . -6.62 -0.32 -4.55
H2' JOC B . -5.89 -0.39 -2.04
H2'A JOC B . -7.06 -1.71 -1.83
H7' JOC B . -9.36 -5.49 -3.26
H7'A JOC B . -7.93 -6.46 -2.85
H7'B JOC B . -8.67 -6.60 -4.47
O44 JOC B . 7.33 -2.70 2.16
C48 JOC B . 6.10 -2.73 2.16
C47 JOC B . 5.32 -3.92 2.70
C44 JOC B . 5.27 -1.57 1.62
O43 JOC B . 3.88 -1.94 1.62
C43 JOC B . 5.69 -1.27 0.18
O42 JOC B . 7.05 -0.81 0.18
C42 JOC B . 4.79 -0.20 -0.40
C45 JOC B . 5.46 -0.34 2.47
C46 JOC B . 4.31 -0.22 3.47
O41 JOC B . 5.52 0.84 1.65
C41 JOC B . 4.45 0.81 0.69
O11 JOC B . 4.29 2.10 0.10
C13 JOC B . 3.01 2.65 0.47
C14 JOC B . 2.76 3.95 -0.28
C17 JOC B . 1.49 3.90 -1.11
O12 JOC B . 3.89 4.30 -1.11
C15 JOC B . 2.62 4.93 0.87
O8 JOC B . 3.63 4.46 1.77
C12 JOC B . 3.06 3.15 1.91
C16 JOC B . 2.80 6.38 0.42
O9 JOC B . 3.23 6.41 -0.94
C33 JOC B . 4.61 6.77 -0.99
O10 JOC B . 1.55 7.08 0.56
C32 JOC B . 1.82 8.46 0.81
O7 JOC B . 1.39 4.71 1.56
C11 JOC B . 1.66 3.54 2.36
C7 JOC B . 0.77 2.52 2.08
C6 JOC B . -0.47 2.52 2.71
C31 JOC B . -0.73 3.44 3.72
O6 JOC B . 1.95 1.73 0.21
C8 JOC B . 1.13 1.47 1.25
C25 JOC B . 0.22 0.44 1.00
C26 JOC B . -1.03 0.45 1.60
C5 JOC B . -1.37 1.48 2.47
C10 JOC B . -2.03 -0.39 1.12
O4 JOC B . -3.32 -0.07 1.44
C30 JOC B . -3.74 -0.77 2.60
C28 JOC B . -1.83 -1.22 0.03
C27 JOC B . -0.56 -1.24 -0.56
C9 JOC B . 0.44 -0.42 -0.07
O5 JOC B . 1.72 -0.88 -0.22
C4 JOC B . -2.75 -2.20 -0.29
C3 JOC B . -2.01 -3.44 -0.75
C2 JOC B . -1.16 -3.10 -1.97
O2 JOC B . -0.38 -4.24 -2.33
C1 JOC B . -0.33 -2.03 -1.68
O3 JOC B . 0.66 -1.82 -2.38
O1 JOC B . -3.60 -1.75 -1.35
C1' JOC B . -4.97 -2.09 -1.06
O1' JOC B . -5.12 -3.51 -1.12
C5' JOC B . -4.71 -3.99 -2.41
C9' JOC B . -4.73 -5.51 -2.43
C4' JOC B . -5.64 -3.43 -3.47
C3' JOC B . -5.58 -1.92 -3.46
O2' JOC B . -4.27 -1.49 -3.84
C8' JOC B . -6.61 -1.36 -4.44
C2' JOC B . -5.89 -1.42 -2.06
O3' JOC B . -6.99 -3.87 -3.18
C6' JOC B . -7.28 -4.98 -3.91
O4' JOC B . -7.30 -6.11 -3.45
C7' JOC B . -7.57 -4.72 -5.38
H47 JOC B . 6.01 -4.69 3.06
H47A JOC B . 4.70 -4.34 1.91
H47B JOC B . 4.68 -3.61 3.53
HO43 JOC B . 3.69 -2.47 2.44
H43 JOC B . 5.61 -2.19 -0.42
HO42 JOC B . 7.67 -1.60 0.19
H42 JOC B . 3.87 -0.66 -0.76
H42A JOC B . 5.30 0.30 -1.22
H45 JOC B . 6.40 -0.44 3.03
H46A JOC B . 3.54 0.42 3.05
H46B JOC B . 4.67 0.20 4.40
H46 JOC B . 3.89 -1.21 3.66
H41 JOC B . 3.52 0.51 1.19
H1 JOC B . 1.66 4.43 -2.05
H17 JOC B . 0.69 4.40 -0.57
HCG JOC B . 4.74 4.17 -0.58
H12 JOC B . 3.58 2.50 2.60
H16 JOC B . 3.55 6.86 1.06
H33A JOC B . 5.19 6.04 -0.41
H33B JOC B . 4.74 7.76 -0.56
H33 JOC B . 4.96 6.76 -2.02
H32 JOC B . 2.14 8.59 1.84
H32A JOC B . 0.91 9.04 0.65
H32B JOC B . 2.60 8.81 0.14
H11 JOC B . 1.65 3.79 3.42
H31A JOC B . -0.45 3.02 4.69
H31B JOC B . -1.79 3.69 3.72
H31 JOC B . -0.15 4.34 3.53
H5 JOC B . -2.38 1.52 2.90
H30A JOC B . -4.65 -1.34 2.39
H30B JOC B . -3.94 -0.06 3.40
H30 JOC B . -2.95 -1.46 2.91
HO5 JOC B . 1.97 -0.87 -1.18
H4 JOC B . -3.36 -2.44 0.59
H3A JOC B . -1.35 -3.79 0.05
H3 JOC B . -2.72 -4.23 -1.00
H2 JOC B . -1.82 -2.83 -2.80
HO2 JOC B . -0.43 -4.93 -1.60
H1' JOC B . -5.21 -1.74 -0.05
H5' JOC B . -3.69 -3.64 -2.61
H9'B JOC B . -5.60 -5.87 -1.87
H9' JOC B . -3.82 -5.90 -1.98
H9'A JOC B . -4.80 -5.85 -3.46
H4' JOC B . -5.35 -3.81 -4.45
HO2' JOC B . -3.96 -2.03 -4.63
H8' JOC B . -6.24 -0.43 -4.88
H8'A JOC B . -7.54 -1.16 -3.92
H8'B JOC B . -6.79 -2.09 -5.24
H2' JOC B . -5.76 -0.34 -2.02
H2'A JOC B . -6.92 -1.67 -1.80
H7' JOC B . -8.58 -4.31 -5.49
H7'A JOC B . -7.51 -5.65 -5.94
H7'B JOC B . -6.85 -4.00 -5.79
O44 JOC B . 5.41 -3.85 2.81
C48 JOC B . 5.96 -2.87 2.31
C47 JOC B . 7.48 -2.73 2.25
C44 JOC B . 5.16 -1.70 1.73
O43 JOC B . 3.77 -2.04 1.73
C43 JOC B . 5.62 -1.43 0.31
O42 JOC B . 6.98 -0.99 0.32
C42 JOC B . 4.75 -0.34 -0.29
C45 JOC B . 5.38 -0.46 2.59
C46 JOC B . 4.22 -0.33 3.59
O41 JOC B . 5.44 0.70 1.76
C41 JOC B . 4.38 0.67 0.78
O11 JOC B . 4.24 1.97 0.18
C13 JOC B . 2.97 2.52 0.55
C14 JOC B . 2.74 3.83 -0.20
C17 JOC B . 1.47 3.81 -1.04
O12 JOC B . 3.88 4.18 -0.99
C15 JOC B . 2.59 4.80 0.97
O8 JOC B . 3.60 4.31 1.87
C12 JOC B . 3.00 3.01 1.99
C16 JOC B . 2.79 6.26 0.54
O9 JOC B . 2.99 7.06 1.72
C33 JOC B . 4.00 8.05 1.44
O10 JOC B . 3.92 6.37 -0.32
C32 JOC B . 3.52 7.00 -1.53
O7 JOC B . 1.35 4.58 1.65
C11 JOC B . 1.61 3.41 2.43
C7 JOC B . 0.69 2.41 2.14
C6 JOC B . -0.54 2.40 2.76
C31 JOC B . -0.81 3.32 3.77
O6 JOC B . 1.89 1.62 0.26
C8 JOC B . 1.05 1.34 1.30
C25 JOC B . 0.15 0.33 1.03
C26 JOC B . -1.12 0.35 1.62
C5 JOC B . -1.45 1.38 2.50
C10 JOC B . -2.11 -0.47 1.12
O4 JOC B . -3.41 -0.14 1.43
C30 JOC B . -3.81 -0.77 2.66
C28 JOC B . -1.91 -1.30 0.03
C27 JOC B . -0.65 -1.31 -0.56
C9 JOC B . 0.36 -0.52 -0.05
O5 JOC B . 1.63 -0.98 -0.19
C4 JOC B . -2.85 -2.25 -0.32
C3 JOC B . -2.11 -3.51 -0.79
C2 JOC B . -1.26 -3.15 -2.00
O2 JOC B . -0.48 -4.30 -2.37
C1 JOC B . -0.41 -2.10 -1.68
O3 JOC B . 0.59 -1.88 -2.37
O1 JOC B . -3.69 -1.77 -1.37
C1' JOC B . -5.05 -2.11 -1.08
O1' JOC B . -5.22 -3.53 -1.17
C5' JOC B . -4.81 -3.99 -2.46
C9' JOC B . -4.85 -5.51 -2.50
C4' JOC B . -5.73 -3.43 -3.53
C3' JOC B . -5.66 -1.90 -3.50
O2' JOC B . -4.33 -1.49 -3.86
C8' JOC B . -6.67 -1.32 -4.48
C2' JOC B . -5.97 -1.43 -2.08
O3' JOC B . -7.09 -3.83 -3.24
C6' JOC B . -7.57 -4.53 -4.31
O4' JOC B . -7.96 -4.00 -5.36
C7' JOC B . -7.63 -6.04 -4.13
H47 JOC B . 7.75 -1.69 2.39
H47A JOC B . 7.84 -3.07 1.29
H47B JOC B . 7.93 -3.32 3.05
HO43 JOC B . 3.53 -2.54 2.56
H43 JOC B . 5.52 -2.34 -0.29
HO42 JOC B . 7.57 -1.72 -0.06
H42 JOC B . 3.83 -0.78 -0.69
H42A JOC B . 5.28 0.16 -1.10
H45 JOC B . 6.31 -0.56 3.14
H46A JOC B . 4.35 -1.06 4.38
H46B JOC B . 3.28 -0.50 3.07
H46 JOC B . 4.22 0.67 4.00
H41 JOC B . 3.45 0.38 1.26
H1 JOC B . 1.65 4.35 -1.96
H17 JOC B . 0.67 4.31 -0.49
HCG JOC B . 4.67 4.33 -0.41
H12 JOC B . 3.51 2.33 2.68
H16 JOC B . 1.90 6.61 0.03
H33A JOC B . 4.22 8.59 2.35
H33B JOC B . 3.64 8.74 0.69
H33 JOC B . 4.90 7.55 1.09
H32 JOC B . 4.28 6.85 -2.30
H32A JOC B . 3.40 8.07 -1.37
H32B JOC B . 2.57 6.57 -1.87
H11 JOC B . 1.59 3.64 3.50
H31A JOC B . -1.87 3.55 3.78
H31B JOC B . -0.24 4.23 3.59
H31 JOC B . -0.51 2.89 4.73
H5 JOC B . -2.46 1.42 2.92
H30A JOC B . -3.61 -1.84 2.61
H30B JOC B . -4.87 -0.59 2.83
H30 JOC B . -3.22 -0.35 3.47
HO5 JOC B . 1.89 -0.97 -1.16
H4 JOC B . -3.45 -2.50 0.56
H3A JOC B . -1.47 -3.87 0.01
H3 JOC B . -2.83 -4.28 -1.05
H2 JOC B . -1.90 -2.87 -2.83
HO2 JOC B . -0.48 -4.95 -1.62
H1' JOC B . -5.29 -1.77 -0.08
H5' JOC B . -3.79 -3.65 -2.65
H9'B JOC B . -4.51 -5.87 -3.48
H9' JOC B . -5.88 -5.85 -2.33
H9'A JOC B . -4.21 -5.92 -1.72
H4' JOC B . -5.43 -3.79 -4.50
HO2' JOC B . -4.03 -2.02 -4.65
H8' JOC B . -7.68 -1.68 -4.22
H8'A JOC B . -6.43 -1.65 -5.48
H8'B JOC B . -6.65 -0.24 -4.43
H2' JOC B . -5.82 -0.34 -2.03
H2'A JOC B . -7.00 -1.65 -1.84
H7' JOC B . -6.63 -6.46 -4.19
H7'A JOC B . -8.25 -6.48 -4.90
H7'B JOC B . -8.06 -6.27 -3.15
O44 JOC B . 7.18 -2.96 2.34
C48 JOC B . 6.33 -2.38 3.01
C47 JOC B . 5.81 -2.93 4.33
C44 JOC B . 5.71 -1.05 2.54
O43 JOC B . 5.46 -0.22 3.69
C43 JOC B . 4.40 -1.33 1.83
O42 JOC B . 4.66 -2.09 0.64
C42 JOC B . 3.75 -0.01 1.47
C45 JOC B . 6.67 -0.34 1.60
C46 JOC B . 7.44 0.73 2.39
O41 JOC B . 5.94 0.27 0.53
C41 JOC B . 4.81 0.99 1.05
O11 JOC B . 4.28 1.85 0.03
C13 JOC B . 3.02 2.38 0.47
C14 JOC B . 2.77 3.71 -0.24
C17 JOC B . 1.46 3.72 -1.01
O12 JOC B . 3.86 4.07 -1.10
C15 JOC B . 2.69 4.64 0.96
O8 JOC B . 3.70 4.11 1.82
C12 JOC B . 3.09 2.82 1.91
C16 JOC B . 2.90 6.10 0.57
O9 JOC B . 1.83 6.89 1.11
C33 JOC B . 0.75 6.91 0.17
O10 JOC B . 4.16 6.57 1.10
C32 JOC B . 4.68 7.58 0.22
O7 JOC B . 1.47 4.43 1.69
C11 JOC B . 1.72 3.23 2.41
C7 JOC B . 0.79 2.25 2.07
C6 JOC B . -0.44 2.26 2.72
C31 JOC B . -0.67 3.16 3.75
O6 JOC B . 1.95 1.46 0.19
C8 JOC B . 1.12 1.19 1.23
C25 JOC B . 0.18 0.21 0.95
C26 JOC B . -1.08 0.25 1.54
C5 JOC B . -1.38 1.27 2.44
C10 JOC B . -2.11 -0.54 1.04
O4 JOC B . -3.38 -0.20 1.37
C30 JOC B . -3.80 -0.91 2.54
C28 JOC B . -1.93 -1.34 -0.08
C27 JOC B . -0.68 -1.37 -0.69
C9 JOC B . 0.36 -0.61 -0.16
O5 JOC B . 1.62 -1.10 -0.33
C4 JOC B . -2.88 -2.28 -0.43
C3 JOC B . -2.17 -3.52 -0.93
C2 JOC B . -1.33 -3.17 -2.14
O2 JOC B . -0.57 -4.32 -2.54
C1 JOC B . -0.47 -2.14 -1.82
O3 JOC B . 0.52 -1.91 -2.53
O1 JOC B . -3.73 -1.78 -1.47
C1' JOC B . -5.09 -2.10 -1.17
O1' JOC B . -5.28 -3.52 -1.26
C5' JOC B . -4.86 -3.99 -2.55
C9' JOC B . -4.92 -5.51 -2.60
C4' JOC B . -5.79 -3.41 -3.61
C3' JOC B . -5.71 -1.90 -3.58
O2' JOC B . -4.38 -1.47 -3.96
C8' JOC B . -6.73 -1.31 -4.56
C2' JOC B . -6.01 -1.41 -2.17
O3' JOC B . -7.14 -3.82 -3.34
C6' JOC B . -7.48 -4.85 -4.15
O4' JOC B . -7.28 -4.86 -5.36
C7' JOC B . -8.16 -6.03 -3.45
H47 JOC B . 5.84 -2.15 5.09
H47A JOC B . 6.45 -3.76 4.65
H47B JOC B . 4.80 -3.28 4.20
HO43 JOC B . 6.13 -0.42 4.40
H43 JOC B . 3.74 -1.90 2.49
HO42 JOC B . 3.88 -2.69 0.45
H42 JOC B . 3.20 0.38 2.33
H42A JOC B . 3.04 -0.16 0.64
H45 JOC B . 7.38 -1.07 1.19
H46A JOC B . 7.89 1.43 1.68
H46B JOC B . 8.22 0.26 2.97
H46 JOC B . 6.76 1.26 3.04
H41 JOC B . 5.11 1.57 1.91
H1 JOC B . 1.59 4.29 -1.93
H17 JOC B . 0.68 4.20 -0.41
HCG JOC B . 4.65 3.48 -0.89
H12 JOC B . 3.61 2.12 2.57
H16 JOC B . 2.92 6.19 -0.52
H33A JOC B . 0.17 6.01 0.27
H33B JOC B . 1.15 6.97 -0.85
H33 JOC B . 0.13 7.78 0.36
H32 JOC B . 5.71 7.35 -0.01
H32A JOC B . 4.62 8.55 0.73
H32B JOC B . 4.09 7.61 -0.69
H11 JOC B . 1.73 3.41 3.48
H31A JOC B . -1.72 3.47 3.73
H31B JOC B . -0.03 4.02 3.63
H31 JOC B . -0.46 2.68 4.70
H5 JOC B . -2.38 1.32 2.88
H30A JOC B . -3.77 -0.25 3.40
H30B JOC B . -3.14 -1.76 2.70
H30 JOC B . -4.82 -1.27 2.38
HO5 JOC B . 1.86 -1.07 -1.30
H4 JOC B . -3.48 -2.52 0.45
H3A JOC B . -1.52 -3.91 -0.14
H3 JOC B . -2.90 -4.29 -1.19
H2 JOC B . -1.98 -2.88 -2.96
HO2 JOC B . -0.47 -4.94 -1.75
H1' JOC B . -5.33 -1.75 -0.17
H5' JOC B . -3.84 -3.64 -2.75
H9'B JOC B . -4.30 -5.92 -1.80
H9' JOC B . -4.53 -5.86 -3.56
H9'A JOC B . -5.94 -5.83 -2.47
H4' JOC B . -5.49 -3.78 -4.60
HO2' JOC B . -4.07 -2.02 -4.74
H8' JOC B . -6.36 -1.43 -5.58
H8'A JOC B . -6.86 -0.24 -4.35
H8'B JOC B . -7.68 -1.82 -4.45
H2' JOC B . -5.86 -0.33 -2.11
H2'A JOC B . -7.04 -1.64 -1.92
H7' JOC B . -7.45 -6.86 -3.38
H7'A JOC B . -9.02 -6.35 -4.04
H7'B JOC B . -8.48 -5.73 -2.45
O44 JOC B . 7.75 -2.44 2.77
C48 JOC B . 6.60 -2.18 3.13
C47 JOC B . 6.02 -2.72 4.44
C44 JOC B . 5.65 -1.33 2.29
O43 JOC B . 4.41 -2.04 2.11
C43 JOC B . 6.28 -1.08 0.93
O42 JOC B . 7.48 -0.30 1.10
C42 JOC B . 5.30 -0.31 0.06
C45 JOC B . 5.39 -0.01 2.99
C46 JOC B . 4.04 -0.08 3.70
O41 JOC B . 5.38 1.06 2.04
C41 JOC B . 4.56 0.71 0.91
O11 JOC B . 4.29 1.87 0.12
C13 JOC B . 3.02 2.44 0.51
C14 JOC B . 2.80 3.76 -0.20
C17 JOC B . 1.52 3.77 -1.03
O12 JOC B . 3.94 4.11 -1.01
C15 JOC B . 2.68 4.70 0.98
O8 JOC B . 3.67 4.18 1.87
C12 JOC B . 3.07 2.88 1.96
C16 JOC B . 2.89 6.17 0.59
O9 JOC B . 4.26 6.37 0.25
C33 JOC B . 4.83 7.32 1.16
O10 JOC B . 2.06 6.49 -0.53
C32 JOC B . 0.82 7.04 -0.06
O7 JOC B . 1.44 4.49 1.67
C11 JOC B . 1.68 3.29 2.42
C7 JOC B . 0.76 2.30 2.10
C6 JOC B . -0.48 2.31 2.73
C31 JOC B . -0.73 3.21 3.75
O6 JOC B . 1.94 1.54 0.21
C8 JOC B . 1.11 1.26 1.25
C25 JOC B . 0.18 0.27 0.97
C26 JOC B . -1.08 0.29 1.55
C5 JOC B . -1.40 1.30 2.44
C10 JOC B . -2.09 -0.52 1.05
O4 JOC B . -3.38 -0.18 1.36
C30 JOC B . -3.86 -1.03 2.40
C28 JOC B . -1.89 -1.32 -0.07
C27 JOC B . -0.63 -1.35 -0.66
C9 JOC B . 0.39 -0.57 -0.14
O5 JOC B . 1.65 -1.04 -0.29
C4 JOC B . -2.84 -2.27 -0.43
C3 JOC B . -2.12 -3.51 -0.93
C2 JOC B . -1.26 -3.15 -2.13
O2 JOC B . -0.50 -4.30 -2.52
C1 JOC B . -0.40 -2.11 -1.79
O3 JOC B . 0.60 -1.90 -2.48
O1 JOC B . -3.67 -1.75 -1.48
C1' JOC B . -5.04 -2.09 -1.20
O1' JOC B . -5.23 -3.51 -1.32
C5' JOC B . -4.80 -3.94 -2.62
C9' JOC B . -4.85 -5.47 -2.70
C4' JOC B . -5.73 -3.35 -3.67
C3' JOC B . -5.65 -1.83 -3.60
O2' JOC B . -4.31 -1.41 -3.96
C8' JOC B . -6.65 -1.22 -4.58
C2' JOC B . -5.95 -1.38 -2.19
O3' JOC B . -7.08 -3.76 -3.41
C6' JOC B . -7.44 -4.71 -4.32
O4' JOC B . -6.65 -5.36 -4.99
C7' JOC B . -8.95 -4.92 -4.44
H47 JOC B . 4.93 -2.66 4.41
H47A JOC B . 6.39 -2.12 5.28
H47B JOC B . 6.33 -3.76 4.58
HO43 JOC B . 4.00 -2.23 3.00
H43 JOC B . 6.53 -2.02 0.45
HO42 JOC B . 8.22 -0.89 1.41
H42 JOC B . 4.58 -1.00 -0.38
H42A JOC B . 5.84 0.20 -0.74
H45 JOC B . 6.17 0.17 3.73
H46A JOC B . 3.76 0.91 4.05
H46B JOC B . 4.10 -0.77 4.55
H46 JOC B . 3.27 -0.44 3.00
H41 JOC B . 3.62 0.27 1.26
H1 JOC B . 1.70 4.32 -1.96
H17 JOC B . 0.74 4.27 -0.47
HCG JOC B . 4.66 4.48 -0.43
H12 JOC B . 3.58 2.19 2.63
H16 JOC B . 2.63 6.80 1.43
H33A JOC B . 5.90 7.09 1.28
H33B JOC B . 4.34 7.24 2.12
H33 JOC B . 4.72 8.32 0.76
H32 JOC B . 0.95 8.12 0.11
H32A JOC B . 0.55 6.56 0.88
H32B JOC B . 0.04 6.88 -0.80
H11 JOC B . 1.67 3.50 3.49
H31A JOC B . -1.78 3.48 3.74
H31B JOC B . -0.12 4.09 3.62
H31 JOC B . -0.49 2.74 4.71
H5 JOC B . -2.40 1.35 2.87
H30A JOC B . -4.52 -0.46 3.07
H30B JOC B . -3.03 -1.43 2.97
H30 JOC B . -4.43 -1.85 1.96
HO5 JOC B . 1.91 -1.02 -1.25
H4 JOC B . -3.46 -2.52 0.44
H3A JOC B . -1.48 -3.89 -0.13
H3 JOC B . -2.85 -4.27 -1.21
H2 JOC B . -1.91 -2.84 -2.95
HO2 JOC B . -0.19 -4.18 -3.46
H1' JOC B . -5.29 -1.77 -0.19
H5' JOC B . -3.78 -3.60 -2.80
H9'B JOC B . -5.69 -5.84 -2.09
H9' JOC B . -3.92 -5.88 -2.32
H9'A JOC B . -4.99 -5.78 -3.73
H4' JOC B . -5.42 -3.69 -4.66
HO2' JOC B . -3.99 -1.96 -4.73
H8' JOC B . -6.63 -0.14 -4.50
H8'A JOC B . -7.64 -1.59 -4.34
H8'B JOC B . -6.39 -1.51 -5.60
H2' JOC B . -5.80 -0.30 -2.11
H2'A JOC B . -6.99 -1.61 -1.95
H7' JOC B . -9.45 -3.96 -4.51
H7'A JOC B . -9.32 -5.46 -3.56
H7'B JOC B . -9.16 -5.51 -5.34
O44 JOC B . 7.37 -0.55 3.11
C48 JOC B . 6.51 -1.41 2.98
C47 JOC B . 6.60 -2.77 3.68
C44 JOC B . 5.29 -1.22 2.08
O43 JOC B . 4.38 -2.30 2.26
C43 JOC B . 5.74 -1.17 0.62
O42 JOC B . 7.09 -1.67 0.53
C42 JOC B . 5.69 0.25 0.12
C45 JOC B . 4.60 0.09 2.43
C46 JOC B . 3.91 -0.06 3.79
O41 JOC B . 3.63 0.43 1.43
C41 JOC B . 4.25 0.75 0.17
O11 JOC B . 4.23 2.17 0.00
C13 JOC B . 2.95 2.69 0.39
C14 JOC B . 2.66 3.99 -0.35
C17 JOC B . 1.37 3.92 -1.15
O12 JOC B . 3.77 4.36 -1.19
C15 JOC B . 2.53 4.96 0.81
O8 JOC B . 3.57 4.49 1.69
C12 JOC B . 3.00 3.18 1.83
C16 JOC B . 2.68 6.42 0.38
O9 JOC B . 3.85 6.97 0.99
C33 JOC B . 3.49 7.53 2.26
O10 JOC B . 2.80 6.48 -1.04
C32 JOC B . 3.98 7.21 -1.38
O7 JOC B . 1.31 4.71 1.53
C11 JOC B . 1.61 3.55 2.31
C7 JOC B . 0.73 2.52 2.04
C6 JOC B . -0.50 2.49 2.68
C31 JOC B . -0.77 3.41 3.69
O6 JOC B . 1.90 1.75 0.14
C8 JOC B . 1.09 1.47 1.21
C25 JOC B . 0.20 0.43 0.96
C26 JOC B . -1.05 0.44 1.57
C5 JOC B . -1.39 1.46 2.45
C10 JOC B . -2.04 -0.42 1.09
O4 JOC B . -3.33 -0.12 1.42
C30 JOC B . -3.79 -0.97 2.48
C28 JOC B . -1.84 -1.24 -0.01
C27 JOC B . -0.58 -1.24 -0.62
C9 JOC B . 0.42 -0.41 -0.12
O5 JOC B . 1.70 -0.86 -0.28
C4 JOC B . -2.75 -2.23 -0.33
C3 JOC B . -2.00 -3.47 -0.79
C2 JOC B . -1.17 -3.11 -2.01
O2 JOC B . -0.36 -4.24 -2.38
C1 JOC B . -0.34 -2.03 -1.73
O3 JOC B . 0.63 -1.80 -2.45
O1 JOC B . -3.61 -1.78 -1.38
C1' JOC B . -4.97 -2.18 -1.08
O1' JOC B . -5.08 -3.60 -1.15
C5' JOC B . -4.64 -4.06 -2.43
C9' JOC B . -4.63 -5.59 -2.46
C4' JOC B . -5.60 -3.54 -3.50
C3' JOC B . -5.58 -2.02 -3.48
O2' JOC B . -4.29 -1.55 -3.87
C8' JOC B . -6.63 -1.49 -4.47
C2' JOC B . -5.91 -1.54 -2.08
O3' JOC B . -6.93 -4.01 -3.21
C6' JOC B . -7.25 -5.01 -4.08
O4' JOC B . -7.24 -4.91 -5.30
C7' JOC B . -7.67 -6.33 -3.40
H47 JOC B . 6.73 -3.56 2.93
H47A JOC B . 5.68 -2.96 4.23
H47B JOC B . 7.45 -2.77 4.36
HO43 JOC B . 3.92 -2.21 3.14
H43 JOC B . 5.09 -1.80 0.01
HO42 JOC B . 7.72 -0.98 0.89
H42 JOC B . 6.04 0.30 -0.91
H42A JOC B . 6.31 0.89 0.75
H45 JOC B . 5.35 0.88 2.50
H46A JOC B . 3.85 0.91 4.27
H46B JOC B . 4.48 -0.74 4.41
H46 JOC B . 2.91 -0.46 3.65
H41 JOC B . 3.67 0.27 -0.62
H1 JOC B . 1.51 4.46 -2.09
H17 JOC B . 0.57 4.41 -0.58
HCG JOC B . 4.41 3.60 -1.25
H12 JOC B . 3.56 2.53 2.51
H16 JOC B . 1.80 6.98 0.70
H33A JOC B . 3.33 6.73 2.97
H33B JOC B . 2.58 8.12 2.16
H33 JOC B . 4.30 8.18 2.61
H32 JOC B . 4.84 6.75 -0.90
H32A JOC B . 3.89 8.25 -1.02
H32B JOC B . 4.12 7.21 -2.46
H11 JOC B . 1.63 3.78 3.38
H31A JOC B . -1.83 3.64 3.70
H31B JOC B . -0.20 4.32 3.51
H31 JOC B . -0.48 2.99 4.65
H5 JOC B . -2.39 1.48 2.88
H30A JOC B . -2.97 -1.60 2.81
H30B JOC B . -4.61 -1.59 2.12
H30 JOC B . -4.14 -0.35 3.30
HO5 JOC B . 1.93 -0.85 -1.26
H4 JOC B . -3.34 -2.48 0.56
H3A JOC B . -1.34 -3.80 0.02
H3 JOC B . -2.70 -4.26 -1.03
H2 JOC B . -1.83 -2.87 -2.84
HO2 JOC B . -0.85 -4.80 -3.05
H1' JOC B . -5.21 -1.84 -0.07
H5' JOC B . -3.64 -3.68 -2.64
H9'B JOC B . -5.39 -5.97 -1.79
H9' JOC B . -3.65 -5.95 -2.15
H9'A JOC B . -4.82 -5.93 -3.48
H4' JOC B . -5.29 -3.90 -4.48
HO2' JOC B . -3.98 -2.05 -4.68
H8' JOC B . -7.63 -1.82 -4.16
H8'A JOC B . -6.42 -1.89 -5.47
H8'B JOC B . -6.60 -0.41 -4.49
H2' JOC B . -5.81 -0.45 -2.03
H2'A JOC B . -6.93 -1.82 -1.83
H7' JOC B . -6.94 -6.58 -2.63
H7'A JOC B . -7.70 -7.12 -4.15
H7'B JOC B . -8.65 -6.22 -2.95
O44 JOC B . 5.88 -2.60 3.41
C48 JOC B . 5.12 -2.83 2.47
C47 JOC B . 4.66 -4.25 2.13
C44 JOC B . 4.61 -1.72 1.55
O43 JOC B . 3.52 -2.22 0.77
C43 JOC B . 5.73 -1.27 0.62
O42 JOC B . 6.99 -1.71 1.16
C42 JOC B . 5.71 0.24 0.51
C45 JOC B . 4.14 -0.54 2.39
C46 JOC B . 3.14 -1.03 3.43
O41 JOC B . 3.52 0.44 1.54
C41 JOC B . 4.28 0.72 0.36
O11 JOC B . 4.27 2.14 0.11
C13 JOC B . 3.00 2.68 0.49
C14 JOC B . 2.75 3.98 -0.26
C17 JOC B . 1.46 3.92 -1.08
O12 JOC B . 3.86 4.32 -1.09
C15 JOC B . 2.62 4.95 0.89
O8 JOC B . 3.63 4.50 1.78
C12 JOC B . 3.05 3.18 1.93
C16 JOC B . 2.78 6.41 0.44
O9 JOC B . 3.90 6.98 1.12
C33 JOC B . 3.47 7.53 2.37
O10 JOC B . 3.00 6.46 -0.97
C32 JOC B . 4.34 6.91 -1.23
O7 JOC B . 1.38 4.74 1.60
C11 JOC B . 1.66 3.58 2.39
C7 JOC B . 0.76 2.56 2.13
C6 JOC B . -0.46 2.55 2.78
C31 JOC B . -0.71 3.47 3.79
O6 JOC B . 1.94 1.76 0.24
C8 JOC B . 1.12 1.49 1.30
C25 JOC B . 0.21 0.47 1.06
C26 JOC B . -1.04 0.48 1.67
C5 JOC B . -1.37 1.51 2.54
C10 JOC B . -2.04 -0.35 1.20
O4 JOC B . -3.33 -0.04 1.52
C30 JOC B . -3.70 -0.67 2.76
C28 JOC B . -1.84 -1.18 0.10
C27 JOC B . -0.59 -1.20 -0.50
C9 JOC B . 0.42 -0.39 -0.02
O5 JOC B . 1.69 -0.84 -0.18
C4 JOC B . -2.77 -2.18 -0.20
C3 JOC B . -2.02 -3.42 -0.65
C2 JOC B . -1.19 -3.08 -1.89
O2 JOC B . -0.40 -4.22 -2.24
C1 JOC B . -0.36 -2.00 -1.62
O3 JOC B . 0.60 -1.78 -2.34
O1 JOC B . -3.63 -1.73 -1.26
C1' JOC B . -5.00 -1.95 -0.88
O1' JOC B . -5.26 -3.35 -0.80
C5' JOC B . -4.87 -3.97 -2.03
C9' JOC B . -4.98 -5.49 -1.89
C4' JOC B . -5.79 -3.49 -3.14
C3' JOC B . -5.66 -1.99 -3.28
O2' JOC B . -4.34 -1.65 -3.72
C8' JOC B . -6.69 -1.49 -4.29
C2' JOC B . -5.92 -1.33 -1.92
O3' JOC B . -7.15 -3.83 -2.82
C6' JOC B . -7.59 -4.81 -3.64
O4' JOC B . -6.85 -5.57 -4.27
C7' JOC B . -9.11 -4.92 -3.76
H47 JOC B . 3.67 -4.41 2.56
H47A JOC B . 5.36 -4.96 2.56
H47B JOC B . 4.61 -4.36 1.05
HO43 JOC B . 2.78 -2.53 1.37
H43 JOC B . 5.58 -1.72 -0.37
HO42 JOC B . 7.73 -1.42 0.54
H42 JOC B . 6.29 0.55 -0.36
H42A JOC B . 6.15 0.68 1.40
H45 JOC B . 4.99 -0.09 2.90
H46A JOC B . 2.34 -1.59 2.93
H46B JOC B . 2.72 -0.19 3.97
H46 JOC B . 3.64 -1.70 4.14
H41 JOC B . 3.82 0.20 -0.49
H1 JOC B . 1.60 4.46 -2.01
H17 JOC B . 0.66 4.41 -0.51
HCG JOC B . 3.57 4.35 -2.05
H12 JOC B . 3.58 2.53 2.62
H16 JOC B . 1.88 6.97 0.69
H33A JOC B . 4.31 8.02 2.85
H33B JOC B . 3.09 6.74 3.00
H33 JOC B . 2.68 8.26 2.18
H32 JOC B . 4.55 6.81 -2.29
H32A JOC B . 5.03 6.29 -0.66
H32B JOC B . 4.43 7.94 -0.92
H11 JOC B . 1.66 3.83 3.45
H31A JOC B . -0.15 4.38 3.59
H31B JOC B . -0.40 3.06 4.74
H31 JOC B . -1.77 3.69 3.81
H5 JOC B . -2.36 1.56 2.98
H30A JOC B . -2.80 -0.97 3.30
H30B JOC B . -4.31 -1.55 2.54
H30 JOC B . -4.28 0.03 3.36
HO5 JOC B . 1.92 -0.84 -1.15
H4 JOC B . -3.36 -2.40 0.68
H3A JOC B . -1.35 -3.75 0.14
H3 JOC B . -2.73 -4.21 -0.89
H2 JOC B . -1.86 -2.83 -2.72
HO2 JOC B . -0.94 -5.05 -2.13
H1' JOC B . -5.18 -1.46 0.09
H5' JOC B . -3.85 -3.69 -2.26
H9'B JOC B . -5.63 -5.74 -1.06
H9' JOC B . -3.98 -5.91 -1.71
H9'A JOC B . -5.37 -5.91 -2.82
H4' JOC B . -5.51 -3.98 -4.08
HO2' JOC B . -4.12 -2.20 -4.54
H8' JOC B . -7.70 -1.71 -3.94
H8'A JOC B . -6.53 -1.99 -5.26
H8'B JOC B . -6.57 -0.40 -4.43
H2' JOC B . -5.74 -0.27 -2.00
H2'A JOC B . -6.95 -1.52 -1.63
H7' JOC B . -9.39 -4.99 -4.81
H7'A JOC B . -9.57 -4.04 -3.31
H7'B JOC B . -9.44 -5.82 -3.24
O44 JOC B . 5.66 -3.48 3.22
C48 JOC B . 6.17 -2.52 2.63
C47 JOC B . 7.68 -2.32 2.57
C44 JOC B . 5.32 -1.44 1.96
O43 JOC B . 3.94 -1.82 2.00
C43 JOC B . 5.75 -1.28 0.51
O42 JOC B . 7.11 -0.79 0.48
C42 JOC B . 4.83 -0.28 -0.17
C45 JOC B . 5.50 -0.13 2.70
C46 JOC B . 4.36 0.05 3.71
O41 JOC B . 5.49 0.97 1.78
C41 JOC B . 4.43 0.80 0.82
O11 JOC B . 4.21 2.03 0.11
C13 JOC B . 2.94 2.58 0.48
C14 JOC B . 2.71 3.88 -0.26
C17 JOC B . 1.43 3.84 -1.11
O12 JOC B . 3.83 4.23 -1.08
C15 JOC B . 2.56 4.86 0.89
O8 JOC B . 3.56 4.37 1.80
C12 JOC B . 2.97 3.07 1.92
C16 JOC B . 2.74 6.31 0.46
O9 JOC B . 3.69 6.94 1.33
C33 JOC B . 3.38 8.33 1.45
O10 JOC B . 3.21 6.36 -0.89
C32 JOC B . 4.59 6.68 -0.88
O7 JOC B . 1.31 4.62 1.59
C11 JOC B . 1.58 3.46 2.37
C7 JOC B . 0.68 2.45 2.07
C6 JOC B . -0.56 2.43 2.70
C31 JOC B . -0.82 3.35 3.71
O6 JOC B . 1.87 1.66 0.20
C8 JOC B . 1.05 1.39 1.24
C25 JOC B . 0.14 0.37 0.98
C26 JOC B . -1.12 0.39 1.57
C5 JOC B . -1.45 1.41 2.45
C10 JOC B . -2.11 -0.46 1.10
O4 JOC B . -3.41 -0.15 1.40
C30 JOC B . -3.79 -0.77 2.62
C28 JOC B . -1.91 -1.28 0.00
C27 JOC B . -0.65 -1.30 -0.59
C9 JOC B . 0.36 -0.48 -0.10
O5 JOC B . 1.63 -0.94 -0.24
C4 JOC B . -2.84 -2.25 -0.34
C3 JOC B . -2.11 -3.49 -0.83
C2 JOC B . -1.27 -3.13 -2.04
O2 JOC B . -0.49 -4.27 -2.43
C1 JOC B . -0.41 -2.08 -1.72
O3 JOC B . 0.59 -1.86 -2.42
O1 JOC B . -3.69 -1.77 -1.39
C1' JOC B . -5.05 -2.10 -1.09
O1' JOC B . -5.23 -3.53 -1.16
C5' JOC B . -4.81 -3.99 -2.45
C9' JOC B . -4.85 -5.52 -2.48
C4' JOC B . -5.74 -3.44 -3.51
C3' JOC B . -5.67 -1.92 -3.49
O2' JOC B . -4.36 -1.50 -3.87
C8' JOC B . -6.70 -1.36 -4.47
C2' JOC B . -5.98 -1.43 -2.09
O3' JOC B . -7.08 -3.86 -3.22
C6' JOC B . -7.45 -4.87 -4.06
O4' JOC B . -7.21 -4.87 -5.27
C7' JOC B . -8.19 -6.03 -3.41
H47 JOC B . 7.92 -1.28 2.81
H47A JOC B . 8.03 -2.53 1.56
H47B JOC B . 8.17 -2.98 3.27
HO43 JOC B . 3.79 -2.43 2.79
H43 JOC B . 5.69 -2.24 0.01
HO42 JOC B . 7.11 0.13 0.09
H42 JOC B . 3.94 -0.80 -0.53
H42A JOC B . 5.35 0.17 -1.02
H45 JOC B . 6.46 -0.14 3.23
H46A JOC B . 4.61 0.85 4.40
H46B JOC B . 4.22 -0.89 4.26
H46 JOC B . 3.44 0.29 3.18
H41 JOC B . 3.52 0.51 1.33
H1 JOC B . 1.61 4.38 -2.04
H17 JOC B . 0.63 4.35 -0.56
HCG JOC B . 3.63 4.03 -2.03
H12 JOC B . 3.50 2.40 2.61
H16 JOC B . 1.78 6.83 0.55
H33A JOC B . 2.32 8.48 1.26
H33B JOC B . 3.96 8.88 0.70
H33 JOC B . 3.63 8.68 2.45
H32 JOC B . 5.09 6.17 -0.04
H32A JOC B . 4.73 7.76 -0.77
H32B JOC B . 5.05 6.35 -1.82
H11 JOC B . 1.56 3.69 3.43
H31A JOC B . -1.89 3.59 3.72
H31B JOC B . -0.25 4.26 3.53
H31 JOC B . -0.53 2.93 4.67
H5 JOC B . -2.46 1.44 2.88
H30A JOC B . -3.20 -1.68 2.77
H30B JOC B . -4.85 -1.04 2.57
H30 JOC B . -3.63 -0.09 3.46
HO5 JOC B . 1.89 -0.92 -1.21
H4 JOC B . -3.45 -2.50 0.53
H3A JOC B . -1.46 -3.86 -0.03
H3 JOC B . -2.82 -4.26 -1.10
H2 JOC B . -1.92 -2.83 -2.87
HO2 JOC B . -0.85 -5.08 -1.97
H1' JOC B . -5.29 -1.75 -0.08
H5' JOC B . -3.79 -3.66 -2.65
H9'B JOC B . -4.90 -5.86 -3.51
H9' JOC B . -5.72 -5.87 -1.93
H9'A JOC B . -3.94 -5.92 -2.00
H4' JOC B . -5.45 -3.81 -4.50
HO2' JOC B . -4.05 -2.04 -4.66
H8' JOC B . -7.32 -0.60 -3.97
H8'A JOC B . -7.35 -2.16 -4.84
H8'B JOC B . -6.18 -0.90 -5.33
H2' JOC B . -5.84 -0.34 -2.05
H2'A JOC B . -7.02 -1.67 -1.84
H7' JOC B . -7.89 -6.11 -2.36
H7'A JOC B . -7.94 -6.96 -3.92
H7'B JOC B . -9.26 -5.85 -3.48
O44 JOC B . 6.19 -3.15 -0.23
C48 JOC B . 6.13 -2.88 0.97
C47 JOC B . 6.23 -3.94 2.06
C44 JOC B . 5.89 -1.45 1.46
O43 JOC B . 6.64 -1.22 2.66
C43 JOC B . 4.41 -1.24 1.74
O42 JOC B . 3.71 -2.47 1.50
C42 JOC B . 3.87 -0.16 0.81
C45 JOC B . 6.36 -0.47 0.39
C46 JOC B . 7.86 -0.64 0.16
O41 JOC B . 6.08 0.88 0.81
C41 JOC B . 4.68 1.11 1.01
O11 JOC B . 4.24 2.10 0.06
C13 JOC B . 2.95 2.61 0.45
C14 JOC B . 2.68 3.90 -0.31
C17 JOC B . 1.38 3.85 -1.10
O12 JOC B . 3.78 4.24 -1.16
C15 JOC B . 2.58 4.89 0.84
O8 JOC B . 3.59 4.42 1.74
C12 JOC B . 3.01 3.12 1.89
C16 JOC B . 2.75 6.33 0.39
O9 JOC B . 1.54 7.06 0.63
C33 JOC B . 1.85 8.43 0.85
O10 JOC B . 3.83 6.93 1.12
C32 JOC B . 4.66 7.66 0.21
O7 JOC B . 1.34 4.68 1.56
C11 JOC B . 1.62 3.51 2.35
C7 JOC B . 0.72 2.50 2.05
C6 JOC B . -0.52 2.51 2.69
C31 JOC B . -0.78 3.44 3.69
O6 JOC B . 1.91 1.65 0.20
C8 JOC B . 1.07 1.42 1.25
C25 JOC B . 0.16 0.40 1.01
C26 JOC B . -1.10 0.44 1.60
C5 JOC B . -1.43 1.47 2.45
C10 JOC B . -2.10 -0.40 1.12
O4 JOC B . -3.40 -0.07 1.43
C30 JOC B . -3.82 -0.78 2.59
C28 JOC B . -1.91 -1.24 0.03
C27 JOC B . -0.64 -1.27 -0.56
C9 JOC B . 0.37 -0.46 -0.06
O5 JOC B . 1.64 -0.93 -0.21
C4 JOC B . -2.83 -2.22 -0.28
C3 JOC B . -2.09 -3.47 -0.71
C2 JOC B . -1.24 -3.16 -1.93
O2 JOC B . -0.45 -4.30 -2.26
C1 JOC B . -0.40 -2.08 -1.66
O3 JOC B . 0.57 -1.86 -2.38
O1 JOC B . -3.68 -1.78 -1.34
C1' JOC B . -5.03 -2.14 -1.07
O1' JOC B . -5.17 -3.57 -1.10
C5' JOC B . -4.74 -4.05 -2.39
C9' JOC B . -4.75 -5.58 -2.39
C4' JOC B . -5.67 -3.53 -3.47
C3' JOC B . -5.63 -2.02 -3.48
O2' JOC B . -4.32 -1.58 -3.85
C8' JOC B . -6.65 -1.48 -4.48
C2' JOC B . -5.96 -1.50 -2.08
O3' JOC B . -7.02 -3.97 -3.19
C6' JOC B . -7.31 -5.05 -3.97
O4' JOC B . -7.02 -5.14 -5.16
C7' JOC B . -8.07 -6.16 -3.25
H47 JOC B . 5.72 -4.85 1.73
H47A JOC B . 5.74 -3.58 2.97
H47B JOC B . 7.28 -4.16 2.26
HO43 JOC B . 6.29 -0.41 3.12
H43 JOC B . 4.27 -0.94 2.78
HO42 JOC B . 2.74 -2.35 1.73
H42 JOC B . 2.82 0.03 1.04
H42A JOC B . 3.95 -0.49 -0.23
H45 JOC B . 5.81 -0.67 -0.54
H46A JOC B . 8.25 -1.35 0.89
H46B JOC B . 8.36 0.32 0.29
H46 JOC B . 8.03 -1.02 -0.85
H41 JOC B . 4.52 1.48 2.02
H1 JOC B . 1.52 4.38 -2.04
H17 JOC B . 0.59 4.35 -0.53
HCG JOC B . 3.46 4.33 -2.10
H12 JOC B . 3.53 2.45 2.58
H16 JOC B . 2.98 6.35 -0.67
H33A JOC B . 0.94 9.02 0.77
H33B JOC B . 2.56 8.78 0.10
H33 JOC B . 2.27 8.55 1.85
H32 JOC B . 5.56 7.08 -0.01
H32A JOC B . 4.95 8.61 0.66
H32B JOC B . 4.11 7.84 -0.72
H11 JOC B . 1.61 3.75 3.40
H31A JOC B . -1.84 3.69 3.68
H31B JOC B . -0.18 4.34 3.49
H31 JOC B . -0.50 3.03 4.65
H5 JOC B . -2.43 1.53 2.89
H30A JOC B . -3.84 -1.85 2.39
H30B JOC B . -4.82 -0.45 2.87
H30 JOC B . -3.13 -0.57 3.42
HO5 JOC B . 1.89 -0.94 -1.17
H4 JOC B . -3.44 -2.44 0.60
H3A JOC B . -1.43 -3.79 0.10
H3 JOC B . -2.80 -4.27 -0.94
H2 JOC B . -1.89 -2.92 -2.77
HO2 JOC B . -0.37 -4.89 -1.46
H1' JOC B . -5.29 -1.79 -0.07
H5' JOC B . -3.73 -3.70 -2.59
H9'B JOC B . -5.49 -5.94 -1.67
H9' JOC B . -3.76 -5.95 -2.12
H9'A JOC B . -5.00 -5.94 -3.39
H4' JOC B . -5.36 -3.92 -4.44
HO2' JOC B . -4.02 -2.08 -4.65
H8' JOC B . -7.60 -2.01 -4.36
H8'A JOC B . -6.29 -1.64 -5.49
H8'B JOC B . -6.81 -0.41 -4.31
H2' JOC B . -5.85 -0.42 -2.05
H2'A JOC B . -6.99 -1.75 -1.84
H7' JOC B . -8.00 -7.08 -3.84
H7'A JOC B . -9.12 -5.89 -3.16
H7'B JOC B . -7.64 -6.33 -2.27
O44 JOC B . 7.88 -2.23 1.79
C48 JOC B . 6.77 -2.35 2.31
C47 JOC B . 6.47 -3.44 3.34
C44 JOC B . 5.59 -1.45 1.94
O43 JOC B . 4.42 -1.88 2.63
C43 JOC B . 5.35 -1.52 0.44
O42 JOC B . 6.42 -2.22 -0.19
C42 JOC B . 5.27 -0.11 -0.13
C45 JOC B . 5.92 -0.01 2.34
C46 JOC B . 6.26 0.04 3.83
O41 JOC B . 4.79 0.84 2.07
C41 JOC B . 4.32 0.72 0.72
O11 JOC B . 4.19 2.04 0.16
C13 JOC B . 2.93 2.61 0.51
C14 JOC B . 2.71 3.91 -0.24
C17 JOC B . 1.45 3.87 -1.10
O12 JOC B . 3.86 4.26 -1.02
C15 JOC B . 2.53 4.88 0.92
O8 JOC B . 3.54 4.40 1.82
C12 JOC B . 2.96 3.09 1.95
C16 JOC B . 2.71 6.34 0.50
O9 JOC B . 3.82 6.90 1.20
C33 JOC B . 3.38 8.03 1.94
O10 JOC B . 2.93 6.41 -0.92
C32 JOC B . 4.15 7.13 -1.16
O7 JOC B . 1.29 4.65 1.60
C11 JOC B . 1.56 3.48 2.39
C7 JOC B . 0.67 2.47 2.11
C6 JOC B . -0.54 2.41 2.80
C31 JOC B . -0.81 3.36 3.79
O6 JOC B . 1.85 1.69 0.23
C8 JOC B . 1.03 1.42 1.27
C25 JOC B . 0.16 0.36 1.07
C26 JOC B . -1.05 0.29 1.76
C5 JOC B . -1.39 1.33 2.63
C10 JOC B . -2.03 -0.59 1.34
O4 JOC B . -3.28 -0.45 1.85
C30 JOC B . -4.14 0.18 0.90
C28 JOC B . -1.92 -1.28 0.14
C27 JOC B . -0.70 -1.25 -0.54
C9 JOC B . 0.32 -0.44 -0.06
O5 JOC B . 1.59 -0.87 -0.30
C4 JOC B . -2.84 -2.26 -0.20
C3 JOC B . -2.10 -3.47 -0.74
C2 JOC B . -1.33 -3.07 -1.99
O2 JOC B . -0.52 -4.18 -2.41
C1 JOC B . -0.51 -1.99 -1.71
O3 JOC B . 0.42 -1.70 -2.47
O1 JOC B . -3.73 -1.76 -1.21
C1' JOC B . -5.07 -2.16 -0.91
O1' JOC B . -5.17 -3.59 -0.97
C5' JOC B . -4.78 -4.06 -2.27
C9' JOC B . -4.78 -5.59 -2.28
C4' JOC B . -5.76 -3.55 -3.31
C3' JOC B . -5.73 -2.03 -3.31
O2' JOC B . -4.43 -1.57 -3.71
C8' JOC B . -6.78 -1.50 -4.29
C2' JOC B . -6.04 -1.53 -1.91
O3' JOC B . -7.08 -4.00 -3.00
C6' JOC B . -7.44 -4.99 -3.86
O4' JOC B . -7.59 -4.82 -5.07
C7' JOC B . -7.68 -6.36 -3.21
H47 JOC B . 7.24 -3.43 4.11
H47A JOC B . 6.47 -4.41 2.84
H47B JOC B . 5.50 -3.26 3.79
HO43 JOC B . 4.49 -1.64 3.60
H43 JOC B . 4.41 -2.03 0.26
HO42 JOC B . 6.44 -3.17 0.14
H42 JOC B . 4.90 -0.14 -1.15
H42A JOC B . 6.26 0.36 -0.10
H45 JOC B . 6.78 0.34 1.77
H46A JOC B . 5.66 0.81 4.31
H46B JOC B . 7.31 0.26 3.95
H46 JOC B . 6.04 -0.94 4.28
H41 JOC B . 3.33 0.24 0.74
H1 JOC B . 1.66 4.40 -2.03
H17 JOC B . 0.64 4.38 -0.57
HCG JOC B . 4.37 3.42 -1.25
H12 JOC B . 3.48 2.43 2.64
H16 JOC B . 1.80 6.89 0.74
H33A JOC B . 2.87 7.69 2.85
H33B JOC B . 2.68 8.63 1.35
H33 JOC B . 4.23 8.65 2.22
H32 JOC B . 4.06 8.14 -0.75
H32A JOC B . 4.33 7.18 -2.23
H32B JOC B . 4.98 6.62 -0.67
H11 JOC B . 1.55 3.74 3.46
H31A JOC B . -0.27 4.27 3.56
H31B JOC B . -0.49 2.96 4.76
H31 JOC B . -1.88 3.56 3.81
H5 JOC B . -2.37 1.32 3.11
H30A JOC B . -5.14 -0.22 0.98
H30B JOC B . -3.76 0.02 -0.11
H30 JOC B . -4.17 1.26 1.09
HO5 JOC B . 1.78 -0.82 -1.28
H4 JOC B . -3.42 -2.53 0.68
H3A JOC B . -1.41 -3.84 0.01
H3 JOC B . -2.82 -4.26 -0.99
H2 JOC B . -2.03 -2.81 -2.78
HO2 JOC B . -0.90 -4.55 -3.26
H1' JOC B . -5.32 -1.83 0.09
H5' JOC B . -3.77 -3.69 -2.50
H9'B JOC B . -5.67 -5.96 -1.78
H9' JOC B . -3.89 -5.96 -1.74
H9'A JOC B . -4.75 -5.95 -3.31
H4' JOC B . -5.47 -3.92 -4.30
HO2' JOC B . -4.14 -2.08 -4.53
H8' JOC B . -7.25 -0.62 -3.87
H8'A JOC B . -7.54 -2.28 -4.45
H8'B JOC B . -6.31 -1.24 -5.24
H2' JOC B . -5.93 -0.45 -1.88
H2'A JOC B . -7.06 -1.80 -1.64
H7' JOC B . -7.78 -6.24 -2.13
H7'A JOC B . -6.84 -7.01 -3.43
H7'B JOC B . -8.60 -6.79 -3.62
O44 JOC B . 7.45 -2.62 2.41
C48 JOC B . 6.24 -2.55 2.62
C47 JOC B . 5.49 -3.59 3.47
C44 JOC B . 5.38 -1.43 2.03
O43 JOC B . 4.04 -1.55 2.52
C43 JOC B . 5.37 -1.54 0.51
O42 JOC B . 6.57 -2.20 0.08
C42 JOC B . 5.32 -0.14 -0.09
C45 JOC B . 5.96 -0.08 2.44
C46 JOC B . 6.15 -0.06 3.97
O41 JOC B . 5.06 0.98 2.06
C41 JOC B . 4.44 0.74 0.78
O11 JOC B . 4.24 2.01 0.12
C13 JOC B . 2.98 2.55 0.50
C14 JOC B . 2.74 3.86 -0.24
C17 JOC B . 1.46 3.83 -1.07
O12 JOC B . 3.86 4.21 -1.06
C15 JOC B . 2.60 4.82 0.93
O8 JOC B . 3.60 4.33 1.82
C12 JOC B . 3.01 3.03 1.94
C16 JOC B . 2.78 6.28 0.51
O9 JOC B . 2.97 7.08 1.68
C33 JOC B . 4.09 7.96 1.47
O10 JOC B . 3.93 6.39 -0.35
C32 JOC B . 3.51 6.95 -1.60
O7 JOC B . 1.35 4.60 1.62
C11 JOC B . 1.62 3.42 2.39
C7 JOC B . 0.72 2.41 2.09
C6 JOC B . -0.53 2.40 2.72
C31 JOC B . -0.79 3.33 3.72
O6 JOC B . 1.90 1.63 0.22
C8 JOC B . 1.07 1.35 1.26
C25 JOC B . 0.17 0.34 0.99
C26 JOC B . -1.10 0.36 1.58
C5 JOC B . -1.44 1.38 2.46
C10 JOC B . -2.10 -0.47 1.09
O4 JOC B . -3.39 -0.15 1.40
C30 JOC B . -3.76 -0.73 2.65
C28 JOC B . -1.89 -1.29 -0.01
C27 JOC B . -0.63 -1.31 -0.60
C9 JOC B . 0.38 -0.50 -0.09
O5 JOC B . 1.65 -0.97 -0.24
C4 JOC B . -2.83 -2.25 -0.35
C3 JOC B . -2.09 -3.50 -0.83
C2 JOC B . -1.25 -3.14 -2.04
O2 JOC B . -0.47 -4.28 -2.42
C1 JOC B . -0.39 -2.09 -1.72
O3 JOC B . 0.61 -1.87 -2.41
O1 JOC B . -3.67 -1.77 -1.40
C1' JOC B . -5.04 -2.11 -1.11
O1' JOC B . -5.20 -3.53 -1.19
C5' JOC B . -4.77 -3.99 -2.48
C9' JOC B . -4.81 -5.53 -2.52
C4' JOC B . -5.71 -3.44 -3.54
C3' JOC B . -5.64 -1.92 -3.52
O2' JOC B . -4.32 -1.49 -3.89
C8' JOC B . -6.66 -1.34 -4.51
C2' JOC B . -5.96 -1.44 -2.11
O3' JOC B . -7.05 -3.86 -3.28
C6' JOC B . -7.45 -4.73 -4.23
O4' JOC B . -7.59 -4.43 -5.42
C7' JOC B . -7.78 -6.14 -3.74
H47 JOC B . 4.52 -3.19 3.75
H47A JOC B . 6.07 -3.82 4.36
H47B JOC B . 5.35 -4.49 2.88
HO43 JOC B . 3.59 -0.65 2.47
H43 JOC B . 4.50 -2.11 0.20
HO42 JOC B . 6.41 -3.19 0.04
H42 JOC B . 4.89 -0.20 -1.09
H42A JOC B . 6.32 0.28 -0.14
H45 JOC B . 6.92 0.07 1.96
H46A JOC B . 5.59 -0.89 4.41
H46B JOC B . 5.78 0.88 4.36
H46 JOC B . 7.21 -0.16 4.19
H41 JOC B . 3.48 0.26 0.94
H1 JOC B . 1.63 4.36 -2.00
H17 JOC B . 0.66 4.34 -0.52
HCG JOC B . 4.50 3.45 -1.08
H12 JOC B . 3.53 2.36 2.62
H16 JOC B . 1.89 6.62 -0.02
H33A JOC B . 5.01 7.40 1.61
H33B JOC B . 4.04 8.77 2.18
H33 JOC B . 4.06 8.35 0.45
H32 JOC B . 4.32 7.53 -2.03
H32A JOC B . 2.64 7.60 -1.45
H32B JOC B . 3.24 6.14 -2.29
H11 JOC B . 1.60 3.65 3.46
H31A JOC B . -0.22 4.24 3.54
H31B JOC B . -0.51 2.90 4.69
H31 JOC B . -1.86 3.57 3.72
H5 JOC B . -2.44 1.42 2.88
H30A JOC B . -4.30 -1.66 2.49
H30B JOC B . -4.39 -0.03 3.20
H30 JOC B . -2.86 -0.94 3.24
HO5 JOC B . 1.91 -0.95 -1.20
H4 JOC B . -3.43 -2.50 0.52
H3A JOC B . -1.44 -3.86 -0.03
H3 JOC B . -2.81 -4.27 -1.10
H2 JOC B . -1.89 -2.85 -2.87
HO2 JOC B . -0.79 -5.09 -1.93
H1' JOC B . -5.28 -1.77 -0.11
H5' JOC B . -3.75 -3.65 -2.68
H9'B JOC B . -5.39 -5.85 -3.39
H9' JOC B . -5.26 -5.90 -1.61
H9'A JOC B . -3.79 -5.90 -2.61
H4' JOC B . -5.40 -3.80 -4.53
HO2' JOC B . -4.01 -2.01 -4.68
H8' JOC B . -6.33 -1.55 -5.52
H8'A JOC B . -6.74 -0.27 -4.36
H8'B JOC B . -7.63 -1.80 -4.34
H2' JOC B . -5.82 -0.35 -2.06
H2'A JOC B . -6.99 -1.68 -1.87
H7' JOC B . -8.80 -6.40 -3.98
H7'A JOC B . -7.64 -6.18 -2.65
H7'B JOC B . -7.09 -6.86 -4.21
O44 JOC B . 7.18 -2.59 2.97
C48 JOC B . 5.98 -2.38 3.10
C47 JOC B . 5.09 -3.26 3.98
C44 JOC B . 5.28 -1.24 2.36
O43 JOC B . 3.91 -1.17 2.80
C43 JOC B . 5.31 -1.51 0.86
O42 JOC B . 6.53 -2.19 0.53
C42 JOC B . 5.23 -0.19 0.12
C45 JOC B . 5.98 0.07 2.67
C46 JOC B . 6.13 0.22 4.17
O41 JOC B . 5.23 1.17 2.14
C41 JOC B . 4.47 0.82 0.96
O11 JOC B . 4.23 2.00 0.19
C13 JOC B . 2.97 2.58 0.54
C14 JOC B . 2.75 3.88 -0.19
C17 JOC B . 1.50 3.85 -1.08
O12 JOC B . 3.90 4.23 -0.97
C15 JOC B . 2.57 4.85 0.96
O8 JOC B . 3.57 4.36 1.86
C12 JOC B . 2.99 3.06 1.98
C16 JOC B . 2.74 6.31 0.53
O9 JOC B . 3.68 6.94 1.41
C33 JOC B . 3.24 8.28 1.68
O10 JOC B . 3.22 6.38 -0.81
C32 JOC B . 4.58 6.80 -0.80
O7 JOC B . 1.31 4.61 1.63
C11 JOC B . 1.58 3.45 2.42
C7 JOC B . 0.70 2.42 2.13
C6 JOC B . -0.51 2.36 2.81
C31 JOC B . -0.79 3.29 3.81
O6 JOC B . 1.89 1.67 0.25
C8 JOC B . 1.07 1.38 1.29
C25 JOC B . 0.19 0.31 1.06
C26 JOC B . -1.00 0.25 1.76
C5 JOC B . -1.37 1.27 2.64
C10 JOC B . -1.99 -0.64 1.33
O4 JOC B . -3.24 -0.50 1.84
C30 JOC B . -4.09 0.16 0.90
C28 JOC B . -1.86 -1.33 0.13
C27 JOC B . -0.65 -1.28 -0.55
C9 JOC B . 0.37 -0.47 -0.06
O5 JOC B . 1.64 -0.90 -0.30
C4 JOC B . -2.79 -2.29 -0.22
C3 JOC B . -2.05 -3.50 -0.77
C2 JOC B . -1.27 -3.10 -2.01
O2 JOC B . -0.46 -4.19 -2.45
C1 JOC B . -0.45 -2.01 -1.72
O3 JOC B . 0.48 -1.72 -2.47
O1 JOC B . -3.67 -1.79 -1.23
C1' JOC B . -5.01 -2.19 -0.93
O1' JOC B . -5.12 -3.62 -0.99
C5' JOC B . -4.72 -4.09 -2.29
C9' JOC B . -4.73 -5.62 -2.31
C4' JOC B . -5.71 -3.57 -3.34
C3' JOC B . -5.67 -2.05 -3.32
O2' JOC B . -4.38 -1.59 -3.73
C8' JOC B . -6.73 -1.51 -4.30
C2' JOC B . -5.98 -1.56 -1.92
O3' JOC B . -7.03 -4.02 -3.01
C6' JOC B . -7.38 -5.04 -3.85
O4' JOC B . -7.52 -6.21 -3.49
C7' JOC B . -7.60 -4.63 -5.30
H47 JOC B . 4.04 -3.04 3.77
H47A JOC B . 5.29 -3.04 5.03
H47B JOC B . 5.29 -4.31 3.77
HO43 JOC B . 3.35 -1.77 2.24
H43 JOC B . 4.45 -2.13 0.58
HO42 JOC B . 6.43 -3.16 0.72
H42 JOC B . 4.72 -0.33 -0.83
H42A JOC B . 6.25 0.18 -0.07
H45 JOC B . 6.97 0.06 2.21
H46A JOC B . 6.52 1.21 4.41
H46B JOC B . 6.81 -0.53 4.56
H46 JOC B . 5.16 0.10 4.66
H41 JOC B . 3.51 0.39 1.27
H1 JOC B . 1.71 4.38 -2.01
H17 JOC B . 0.68 4.36 -0.55
HCG JOC B . 4.68 3.67 -0.69
H12 JOC B . 3.51 2.40 2.68
H16 JOC B . 1.77 6.81 0.61
H33A JOC B . 4.09 8.96 1.59
H33B JOC B . 2.83 8.34 2.68
H33 JOC B . 2.47 8.57 0.96
H32 JOC B . 5.14 6.21 -0.08
H32A JOC B . 4.63 7.86 -0.51
H32B JOC B . 5.00 6.68 -1.79
H11 JOC B . 1.56 3.69 3.48
H31A JOC B . -0.26 4.22 3.58
H31B JOC B . -0.45 2.91 4.77
H31 JOC B . -1.86 3.48 3.83
H5 JOC B . -2.34 1.26 3.11
H30A JOC B . -4.12 1.23 1.10
H30B JOC B . -5.10 -0.26 0.97
H30 JOC B . -3.71 -0.01 -0.11
HO5 JOC B . 1.83 -0.84 -1.28
H4 JOC B . -3.36 -2.59 0.66
H3A JOC B . -1.35 -3.87 -0.01
H3 JOC B . -2.75 -4.29 -1.03
H2 JOC B . -1.97 -2.82 -2.80
HO2 JOC B . -0.93 -5.05 -2.24
H1' JOC B . -5.27 -1.86 0.08
H5' JOC B . -3.73 -3.72 -2.52
H9'B JOC B . -4.21 -5.98 -3.20
H9' JOC B . -5.75 -5.98 -2.32
H9'A JOC B . -4.23 -6.00 -1.41
H4' JOC B . -5.42 -3.94 -4.32
HO2' JOC B . -4.08 -2.11 -4.54
H8' JOC B . -6.75 -0.43 -4.26
H8'A JOC B . -7.71 -1.91 -4.01
H8'B JOC B . -6.50 -1.84 -5.31
H2' JOC B . -5.88 -0.47 -1.89
H2'A JOC B . -7.00 -1.83 -1.65
H7' JOC B . -6.67 -4.21 -5.71
H7'A JOC B . -8.38 -3.87 -5.35
H7'B JOC B . -7.89 -5.50 -5.89
O44 JOC B . 7.71 -2.24 2.63
C48 JOC B . 6.53 -2.05 2.96
C47 JOC B . 5.91 -2.72 4.18
C44 JOC B . 5.60 -1.16 2.13
O43 JOC B . 4.32 -1.80 2.02
C43 JOC B . 6.18 -0.95 0.74
O42 JOC B . 7.42 -0.24 0.84
C42 JOC B . 5.20 -0.16 -0.09
C45 JOC B . 5.43 0.18 2.83
C46 JOC B . 4.13 0.18 3.63
O41 JOC B . 5.41 1.24 1.86
C41 JOC B . 4.53 0.89 0.78
O11 JOC B . 4.24 2.05 -0.01
C13 JOC B . 2.97 2.60 0.38
C14 JOC B . 2.71 3.90 -0.38
C17 JOC B . 1.41 3.84 -1.19
O12 JOC B . 3.82 4.24 -1.22
C15 JOC B . 2.59 4.88 0.78
O8 JOC B . 3.61 4.41 1.66
C12 JOC B . 3.03 3.11 1.81
C16 JOC B . 2.76 6.33 0.31
O9 JOC B . 1.54 7.04 0.55
C33 JOC B . 1.83 8.42 0.78
O10 JOC B . 3.82 6.95 1.06
C32 JOC B . 4.68 7.63 0.15
O7 JOC B . 1.36 4.67 1.49
C11 JOC B . 1.65 3.50 2.28
C7 JOC B . 0.74 2.48 2.01
C6 JOC B . -0.49 2.48 2.66
C31 JOC B . -0.73 3.41 3.66
O6 JOC B . 1.90 1.68 0.13
C8 JOC B . 1.09 1.42 1.19
C25 JOC B . 0.18 0.39 0.95
C26 JOC B . -1.08 0.43 1.56
C5 JOC B . -1.40 1.46 2.43
C10 JOC B . -2.08 -0.41 1.09
O4 JOC B . -3.36 -0.08 1.40
C30 JOC B . -3.84 -0.90 2.48
C28 JOC B . -1.89 -1.25 -0.01
C27 JOC B . -0.63 -1.28 -0.61
C9 JOC B . 0.39 -0.47 -0.12
O5 JOC B . 1.66 -0.93 -0.27
C4 JOC B . -2.82 -2.23 -0.31
C3 JOC B . -2.07 -3.49 -0.75
C2 JOC B . -1.24 -3.17 -1.98
O2 JOC B . -0.45 -4.30 -2.32
C1 JOC B . -0.40 -2.09 -1.70
O3 JOC B . 0.57 -1.88 -2.43
O1 JOC B . -3.67 -1.79 -1.37
C1' JOC B . -5.03 -2.14 -1.06
O1' JOC B . -5.18 -3.57 -1.11
C5' JOC B . -4.76 -4.05 -2.40
C9' JOC B . -4.79 -5.58 -2.40
C4' JOC B . -5.71 -3.52 -3.47
C3' JOC B . -5.66 -2.01 -3.47
O2' JOC B . -4.34 -1.58 -3.86
C8' JOC B . -6.69 -1.46 -4.46
C2' JOC B . -5.96 -1.49 -2.07
O3' JOC B . -7.05 -3.95 -3.16
C6' JOC B . -7.33 -5.09 -3.86
O4' JOC B . -7.06 -6.22 -3.47
C7' JOC B . -8.01 -4.86 -5.21
H47 JOC B . 6.55 -3.55 4.50
H47A JOC B . 4.93 -3.11 3.92
H47B JOC B . 5.82 -1.99 4.99
HO43 JOC B . 4.41 -2.78 2.18
H43 JOC B . 6.35 -1.92 0.28
HO42 JOC B . 7.46 0.47 0.14
H42 JOC B . 4.44 -0.83 -0.51
H42A JOC B . 5.72 0.34 -0.91
H45 JOC B . 6.28 0.33 3.51
H46A JOC B . 3.34 0.64 3.03
H46B JOC B . 4.26 0.75 4.55
H46 JOC B . 3.85 -0.85 3.86
H41 JOC B . 3.60 0.49 1.18
H1 JOC B . 1.57 4.37 -2.12
H17 JOC B . 0.62 4.34 -0.62
HCG JOC B . 3.53 4.21 -2.18
H12 JOC B . 3.56 2.45 2.49
H16 JOC B . 3.01 6.35 -0.74
H33A JOC B . 0.92 9.01 0.64
H33B JOC B . 2.59 8.75 0.08
H33 JOC B . 2.20 8.55 1.80
H32 JOC B . 5.01 8.57 0.60
H32A JOC B . 4.14 7.84 -0.78
H32B JOC B . 5.55 7.01 -0.06
H11 JOC B . 1.64 3.74 3.34
H31A JOC B . -0.45 2.99 4.63
H31B JOC B . -1.80 3.67 3.68
H31 JOC B . -0.15 4.31 3.47
H5 JOC B . -2.40 1.51 2.86
H30A JOC B . -4.72 -1.45 2.17
H30B JOC B . -4.08 -0.26 3.34
H30 JOC B . -3.05 -1.61 2.77
HO5 JOC B . 1.89 -0.94 -1.24
H4 JOC B . -3.42 -2.46 0.57
H3A JOC B . -1.41 -3.82 0.05
H3 JOC B . -2.78 -4.27 -0.99
H2 JOC B . -1.90 -2.91 -2.82
HO2 JOC B . -0.89 -5.13 -1.97
H1' JOC B . -5.27 -1.78 -0.06
H5' JOC B . -3.75 -3.69 -2.60
H9'B JOC B . -5.57 -5.94 -1.74
H9' JOC B . -3.82 -5.96 -2.06
H9'A JOC B . -4.97 -5.94 -3.42
H4' JOC B . -5.41 -3.91 -4.44
HO2' JOC B . -4.05 -2.08 -4.67
H8' JOC B . -6.18 -0.91 -5.25
H8'A JOC B . -7.38 -0.80 -3.94
H8'B JOC B . -7.25 -2.29 -4.90
H2' JOC B . -5.83 -0.41 -2.05
H2'A JOC B . -6.99 -1.74 -1.82
H7' JOC B . -8.67 -4.01 -5.15
H7'A JOC B . -8.59 -5.75 -5.47
H7'B JOC B . -7.25 -4.68 -5.97
O44 JOC B . 7.40 -2.80 1.85
C48 JOC B . 6.25 -2.59 2.24
C47 JOC B . 5.61 -3.45 3.33
C44 JOC B . 5.37 -1.50 1.63
O43 JOC B . 4.01 -1.96 1.59
C43 JOC B . 5.84 -1.21 0.22
O42 JOC B . 7.17 -0.66 0.26
C42 JOC B . 4.90 -0.19 -0.42
C45 JOC B . 5.45 -0.25 2.49
C46 JOC B . 4.24 -0.18 3.41
O41 JOC B . 5.50 0.91 1.64
C41 JOC B . 4.47 0.83 0.64
O11 JOC B . 4.28 2.11 0.02
C13 JOC B . 3.01 2.65 0.41
C14 JOC B . 2.74 3.94 -0.35
C17 JOC B . 1.45 3.89 -1.16
O12 JOC B . 3.85 4.29 -1.20
C15 JOC B . 2.61 4.92 0.80
O8 JOC B . 3.64 4.45 1.68
C12 JOC B . 3.07 3.16 1.84
C16 JOC B . 2.78 6.38 0.35
O9 JOC B . 1.56 7.08 0.57
C33 JOC B . 1.84 8.45 0.82
O10 JOC B . 3.83 7.00 1.09
C32 JOC B . 4.69 7.71 0.19
O7 JOC B . 1.39 4.70 1.52
C11 JOC B . 1.68 3.55 2.31
C7 JOC B . 0.78 2.52 2.04
C6 JOC B . -0.45 2.51 2.69
C31 JOC B . -0.70 3.45 3.69
O6 JOC B . 1.94 1.71 0.17
C8 JOC B . 1.13 1.45 1.22
C25 JOC B . 0.23 0.43 0.99
C26 JOC B . -1.03 0.46 1.60
C5 JOC B . -1.35 1.49 2.47
C10 JOC B . -2.03 -0.40 1.14
O4 JOC B . -3.31 -0.07 1.45
C30 JOC B . -3.71 -0.73 2.66
C28 JOC B . -1.83 -1.23 0.04
C27 JOC B . -0.58 -1.26 -0.56
C9 JOC B . 0.44 -0.44 -0.08
O5 JOC B . 1.71 -0.89 -0.23
C4 JOC B . -2.76 -2.21 -0.27
C3 JOC B . -2.02 -3.46 -0.72
C2 JOC B . -1.19 -3.13 -1.95
O2 JOC B . -0.41 -4.27 -2.31
C1 JOC B . -0.35 -2.06 -1.67
O3 JOC B . 0.63 -1.85 -2.38
O1 JOC B . -3.61 -1.76 -1.31
C1' JOC B . -4.97 -2.11 -1.01
O1' JOC B . -5.12 -3.54 -1.04
C5' JOC B . -4.70 -4.02 -2.32
C9' JOC B . -4.72 -5.55 -2.31
C4' JOC B . -5.64 -3.51 -3.39
C3' JOC B . -5.61 -1.99 -3.41
O2' JOC B . -4.29 -1.56 -3.81
C8' JOC B . -6.64 -1.46 -4.40
C2' JOC B . -5.92 -1.47 -2.02
O3' JOC B . -6.99 -3.95 -3.10
C6' JOC B . -7.34 -4.96 -3.94
O4' JOC B . -7.36 -6.15 -3.61
C7' JOC B . -7.69 -4.52 -5.36
H47 JOC B . 4.55 -3.19 3.41
H47A JOC B . 6.09 -3.24 4.28
H47B JOC B . 5.71 -4.51 3.08
HO43 JOC B . 3.98 -2.89 1.24
H43 JOC B . 5.83 -2.12 -0.37
HO42 JOC B . 7.73 -1.21 0.88
H42 JOC B . 4.02 -0.69 -0.80
H42A JOC B . 5.40 0.33 -1.23
H45 JOC B . 6.36 -0.29 3.09
H46A JOC B . 4.23 0.78 3.92
H46B JOC B . 4.30 -0.99 4.15
H46 JOC B . 3.33 -0.29 2.82
H41 JOC B . 3.53 0.50 1.10
H1 JOC B . 1.60 4.41 -2.09
H17 JOC B . 0.66 4.39 -0.59
HCG JOC B . 4.16 3.47 -1.69
H12 JOC B . 3.60 2.50 2.52
H16 JOC B . 3.02 6.40 -0.71
H33A JOC B . 0.93 9.04 0.71
H33B JOC B . 2.59 8.81 0.11
H33 JOC B . 2.22 8.57 1.83
H32 JOC B . 5.57 7.10 -0.03
H32A JOC B . 5.00 8.64 0.65
H32B JOC B . 4.15 7.91 -0.74
H11 JOC B . 1.69 3.79 3.37
H31A JOC B . -0.12 4.35 3.50
H31B JOC B . -0.42 3.03 4.66
H31 JOC B . -1.76 3.70 3.70
H5 JOC B . -2.36 1.53 2.90
H30A JOC B . -3.53 -1.80 2.57
H30B JOC B . -4.76 -0.55 2.85
H30 JOC B . -3.11 -0.34 3.49
HO5 JOC B . 1.95 -0.89 -1.20
H4 JOC B . -3.35 -2.44 0.63
H3A JOC B . -1.36 -3.81 0.08
H3 JOC B . -2.73 -4.24 -0.96
H2 JOC B . -1.85 -2.87 -2.77
HO2 JOC B . -1.00 -4.97 -2.70
H1' JOC B . -5.22 -1.74 0.00
H5' JOC B . -3.69 -3.67 -2.53
H9'B JOC B . -4.12 -5.92 -1.48
H9' JOC B . -4.30 -5.93 -3.25
H9'A JOC B . -5.74 -5.91 -2.21
H4' JOC B . -5.34 -3.90 -4.37
HO2' JOC B . -3.99 -2.08 -4.60
H8' JOC B . -6.35 -0.47 -4.75
H8'A JOC B . -7.62 -1.41 -3.92
H8'B JOC B . -6.70 -2.15 -5.26
H2' JOC B . -5.79 -0.39 -2.00
H2'A JOC B . -6.95 -1.73 -1.76
H7' JOC B . -6.78 -4.44 -5.96
H7'A JOC B . -8.19 -3.56 -5.32
H7'B JOC B . -8.35 -5.26 -5.81
O44 JOC B . 7.16 -3.03 2.17
C48 JOC B . 6.09 -2.62 2.61
C47 JOC B . 5.46 -3.19 3.88
C44 JOC B . 5.27 -1.53 1.89
O43 JOC B . 3.93 -2.00 1.69
C43 JOC B . 5.91 -1.24 0.54
O42 JOC B . 7.21 -0.68 0.74
C42 JOC B . 5.03 -0.24 -0.21
C45 JOC B . 5.25 -0.28 2.74
C46 JOC B . 3.97 -0.24 3.56
O41 JOC B . 5.33 0.89 1.90
C41 JOC B . 4.43 0.74 0.79
O11 JOC B . 4.24 2.01 0.15
C13 JOC B . 2.98 2.56 0.52
C14 JOC B . 2.73 3.87 -0.22
C17 JOC B . 1.46 3.83 -1.06
O12 JOC B . 3.87 4.22 -1.04
C15 JOC B . 2.60 4.83 0.94
O8 JOC B . 3.59 4.34 1.84
C12 JOC B . 3.01 3.05 1.96
C16 JOC B . 2.79 6.29 0.52
O9 JOC B . 2.98 7.10 1.69
C33 JOC B . 3.84 8.19 1.37
O10 JOC B . 3.92 6.40 -0.35
C32 JOC B . 3.49 6.94 -1.60
O7 JOC B . 1.35 4.61 1.63
C11 JOC B . 1.62 3.44 2.40
C7 JOC B . 0.71 2.43 2.10
C6 JOC B . -0.53 2.42 2.73
C31 JOC B . -0.80 3.35 3.74
O6 JOC B . 1.90 1.65 0.23
C8 JOC B . 1.06 1.37 1.27
C25 JOC B . 0.16 0.36 1.01
C26 JOC B . -1.11 0.38 1.59
C5 JOC B . -1.44 1.40 2.47
C10 JOC B . -2.11 -0.45 1.10
O4 JOC B . -3.39 -0.14 1.40
C30 JOC B . -3.79 -0.78 2.62
C28 JOC B . -1.89 -1.28 0.00
C27 JOC B . -0.63 -1.29 -0.59
C9 JOC B . 0.37 -0.49 -0.08
O5 JOC B . 1.65 -0.96 -0.22
C4 JOC B . -2.82 -2.24 -0.34
C3 JOC B . -2.08 -3.49 -0.80
C2 JOC B . -1.23 -3.14 -2.02
O2 JOC B . -0.44 -4.28 -2.38
C1 JOC B . -0.38 -2.08 -1.71
O3 JOC B . 0.61 -1.86 -2.41
O1 JOC B . -3.66 -1.77 -1.39
C1' JOC B . -5.03 -2.12 -1.12
O1' JOC B . -5.19 -3.54 -1.20
C5' JOC B . -4.75 -3.99 -2.49
C9' JOC B . -4.78 -5.52 -2.53
C4' JOC B . -5.69 -3.44 -3.57
C3' JOC B . -5.63 -1.92 -3.53
O2' JOC B . -4.31 -1.49 -3.89
C8' JOC B . -6.64 -1.35 -4.51
C2' JOC B . -5.95 -1.44 -2.13
O3' JOC B . -7.03 -3.87 -3.29
C6' JOC B . -7.28 -5.01 -3.96
O4' JOC B . -6.85 -5.26 -5.09
C7' JOC B . -8.19 -6.01 -3.24
H47 JOC B . 4.38 -3.06 3.84
H47A JOC B . 5.86 -2.67 4.74
H47B JOC B . 5.70 -4.25 3.96
HO43 JOC B . 3.95 -2.85 1.18
H43 JOC B . 5.99 -2.16 -0.04
HO42 JOC B . 7.80 -1.34 1.22
H42 JOC B . 4.23 -0.77 -0.72
H42A JOC B . 5.64 0.30 -0.93
H45 JOC B . 6.11 -0.28 3.42
H46A JOC B . 3.62 -1.27 3.73
H46B JOC B . 3.20 0.31 3.02
H46 JOC B . 4.15 0.23 4.52
H41 JOC B . 3.47 0.37 1.13
H1 JOC B . 1.64 4.38 -1.99
H17 JOC B . 0.66 4.33 -0.51
HCG JOC B . 4.60 3.56 -0.88
H12 JOC B . 3.53 2.37 2.64
H16 JOC B . 1.89 6.63 0.00
H33A JOC B . 4.88 7.88 1.47
H33B JOC B . 3.64 9.02 2.04
H33 JOC B . 3.66 8.50 0.34
H32 JOC B . 2.97 6.17 -2.17
H32A JOC B . 4.36 7.27 -2.17
H32B JOC B . 2.83 7.79 -1.43
H11 JOC B . 1.60 3.67 3.47
H31A JOC B . -1.86 3.58 3.74
H31B JOC B . -0.21 4.25 3.57
H31 JOC B . -0.52 2.91 4.70
H5 JOC B . -2.44 1.44 2.89
H30A JOC B . -2.92 -1.23 3.11
H30B JOC B . -4.52 -1.55 2.40
H30 JOC B . -4.23 -0.03 3.29
HO5 JOC B . 1.90 -0.94 -1.18
H4 JOC B . -3.43 -2.48 0.52
H3A JOC B . -1.44 -3.85 0.00
H3 JOC B . -2.80 -4.27 -1.07
H2 JOC B . -1.87 -2.86 -2.85
HO2 JOC B . -0.68 -5.05 -1.79
H1' JOC B . -5.27 -1.78 -0.11
H5' JOC B . -3.74 -3.65 -2.68
H9'B JOC B . -3.80 -5.92 -2.28
H9' JOC B . -5.05 -5.85 -3.54
H9'A JOC B . -5.52 -5.89 -1.82
H4' JOC B . -5.38 -3.81 -4.54
HO2' JOC B . -3.99 -2.01 -4.68
H8' JOC B . -6.50 -1.82 -5.49
H8'A JOC B . -6.49 -0.27 -4.61
H8'B JOC B . -7.65 -1.56 -4.16
H2' JOC B . -5.81 -0.35 -2.07
H2'A JOC B . -6.98 -1.69 -1.88
H7' JOC B . -8.16 -5.82 -2.16
H7'A JOC B . -7.85 -7.03 -3.44
H7'B JOC B . -9.22 -5.89 -3.59
O44 JOC B . 7.28 -0.76 2.76
C48 JOC B . 6.16 -1.14 3.12
C47 JOC B . 5.88 -1.59 4.55
C44 JOC B . 4.98 -1.25 2.14
O43 JOC B . 4.22 -2.42 2.45
C43 JOC B . 5.52 -1.34 0.72
O42 JOC B . 6.83 -1.93 0.73
C42 JOC B . 5.59 0.05 0.12
C45 JOC B . 4.11 -0.01 2.28
C46 JOC B . 3.16 -0.21 3.47
O41 JOC B . 3.35 0.18 1.08
C41 JOC B . 4.18 0.61 0.00
O11 JOC B . 4.25 2.05 0.01
C13 JOC B . 2.97 2.59 0.40
C14 JOC B . 2.73 3.89 -0.35
C17 JOC B . 1.43 3.84 -1.16
O12 JOC B . 3.83 4.24 -1.18
C15 JOC B . 2.59 4.86 0.81
O8 JOC B . 3.61 4.39 1.70
C12 JOC B . 3.03 3.08 1.83
C16 JOC B . 2.76 6.32 0.38
O9 JOC B . 3.03 7.12 1.53
C33 JOC B . 4.39 6.95 1.92
O10 JOC B . 3.85 6.43 -0.55
C32 JOC B . 4.05 7.81 -0.88
O7 JOC B . 1.36 4.64 1.52
C11 JOC B . 1.64 3.47 2.30
C7 JOC B . 0.74 2.45 2.02
C6 JOC B . -0.50 2.45 2.66
C31 JOC B . -0.75 3.37 3.66
O6 JOC B . 1.91 1.66 0.14
C8 JOC B . 1.09 1.40 1.20
C25 JOC B . 0.19 0.37 0.94
C26 JOC B . -1.06 0.40 1.54
C5 JOC B . -1.40 1.41 2.41
C10 JOC B . -2.06 -0.44 1.06
O4 JOC B . -3.35 -0.12 1.37
C30 JOC B . -3.82 -0.95 2.46
C28 JOC B . -1.86 -1.27 -0.04
C27 JOC B . -0.60 -1.29 -0.63
C9 JOC B . 0.40 -0.48 -0.13
O5 JOC B . 1.68 -0.95 -0.29
C4 JOC B . -2.80 -2.25 -0.36
C3 JOC B . -2.04 -3.50 -0.82
C2 JOC B . -1.21 -3.16 -2.04
O2 JOC B . -0.41 -4.29 -2.39
C1 JOC B . -0.37 -2.09 -1.75
O3 JOC B . 0.62 -1.87 -2.46
O1 JOC B . -3.64 -1.79 -1.41
C1' JOC B . -5.00 -2.15 -1.13
O1' JOC B . -5.15 -3.58 -1.19
C5' JOC B . -4.72 -4.04 -2.48
C9' JOC B . -4.73 -5.58 -2.50
C4' JOC B . -5.66 -3.52 -3.54
C3' JOC B . -5.61 -1.99 -3.53
O2' JOC B . -4.30 -1.55 -3.91
C8' JOC B . -6.64 -1.44 -4.52
C2' JOC B . -5.93 -1.49 -2.14
O3' JOC B . -7.00 -3.95 -3.27
C6' JOC B . -7.52 -4.56 -4.36
O4' JOC B . -7.52 -4.06 -5.49
C7' JOC B . -8.15 -5.92 -4.11
H47 JOC B . 6.45 -0.97 5.25
H47A JOC B . 6.18 -2.64 4.67
H47B JOC B . 4.82 -1.50 4.76
HO43 JOC B . 4.75 -3.02 3.05
H43 JOC B . 4.85 -1.96 0.12
HO42 JOC B . 7.51 -1.21 0.62
H42 JOC B . 6.05 0.00 -0.87
H42A JOC B . 6.19 0.70 0.76
H45 JOC B . 4.73 0.86 2.46
H46A JOC B . 2.29 0.43 3.34
H46B JOC B . 3.68 0.06 4.40
H46 JOC B . 2.84 -1.25 3.51
H41 JOC B . 3.75 0.28 -0.94
H1 JOC B . 1.59 4.38 -2.10
H17 JOC B . 0.64 4.34 -0.60
HCG JOC B . 4.60 3.64 -0.99
H12 JOC B . 3.57 2.42 2.51
H16 JOC B . 1.84 6.66 -0.10
H33A JOC B . 4.42 6.53 2.93
H33B JOC B . 4.90 7.91 1.91
H33 JOC B . 4.89 6.28 1.23
H32 JOC B . 4.60 8.29 -0.08
H32A JOC B . 3.08 8.29 -1.00
H32B JOC B . 4.61 7.88 -1.81
H11 JOC B . 1.64 3.71 3.36
H31A JOC B . -1.81 3.61 3.66
H31B JOC B . -0.17 4.28 3.48
H31 JOC B . -0.48 2.95 4.63
H5 JOC B . -2.40 1.46 2.85
H30A JOC B . -4.73 -1.46 2.15
H30B JOC B . -4.02 -0.32 3.32
H30 JOC B . -3.05 -1.68 2.70
HO5 JOC B . 1.92 -0.93 -1.26
H4 JOC B . -3.39 -2.49 0.52
H3A JOC B . -1.39 -3.84 -0.01
H3 JOC B . -2.76 -4.28 -1.06
H2 JOC B . -1.86 -2.90 -2.87
HO2 JOC B . -0.66 -5.07 -1.80
H1' JOC B . -5.25 -1.81 -0.12
H5' JOC B . -3.71 -3.69 -2.67
H9'B JOC B . -5.08 -5.95 -1.53
H9' JOC B . -3.73 -5.94 -2.71
H9'A JOC B . -5.41 -5.91 -3.28
H4' JOC B . -5.35 -3.88 -4.53
HO2' JOC B . -3.99 -2.06 -4.71
H8' JOC B . -6.62 -0.35 -4.50
H8'A JOC B . -7.63 -1.79 -4.25
H8'B JOC B . -6.40 -1.79 -5.53
H2' JOC B . -5.81 -0.42 -2.09
H2'A JOC B . -6.96 -1.75 -1.88
H7' JOC B . -7.81 -6.31 -3.13
H7'A JOC B . -7.84 -6.62 -4.89
H7'B JOC B . -9.24 -5.84 -4.11
O44 JOC B . 6.57 -1.51 3.84
C48 JOC B . 5.55 -2.05 3.42
C47 JOC B . 5.01 -3.35 4.03
C44 JOC B . 4.77 -1.50 2.24
O43 JOC B . 3.75 -2.43 1.86
C43 JOC B . 5.72 -1.28 1.07
O42 JOC B . 7.05 -1.67 1.44
C42 JOC B . 5.71 0.19 0.68
C45 JOC B . 4.14 -0.18 2.62
C46 JOC B . 3.17 -0.41 3.79
O41 JOC B . 3.43 0.37 1.51
C41 JOC B . 4.28 0.62 0.39
O11 JOC B . 4.26 2.02 0.09
C13 JOC B . 3.00 2.59 0.45
C14 JOC B . 2.76 3.89 -0.30
C17 JOC B . 1.48 3.85 -1.13
O12 JOC B . 3.89 4.23 -1.12
C15 JOC B . 2.63 4.86 0.86
O8 JOC B . 3.64 4.38 1.76
C12 JOC B . 3.04 3.07 1.89
C16 JOC B . 2.82 6.32 0.42
O9 JOC B . 3.01 7.14 1.58
C33 JOC B . 4.38 7.55 1.65
O10 JOC B . 3.96 6.43 -0.43
C32 JOC B . 3.56 7.01 -1.67
O7 JOC B . 1.39 4.65 1.56
C11 JOC B . 1.66 3.48 2.34
C7 JOC B . 0.75 2.47 2.07
C6 JOC B . -0.48 2.47 2.71
C31 JOC B . -0.72 3.39 3.73
O6 JOC B . 1.92 1.67 0.19
C8 JOC B . 1.10 1.41 1.24
C25 JOC B . 0.18 0.40 0.98
C26 JOC B . -1.07 0.42 1.59
C5 JOC B . -1.39 1.45 2.47
C10 JOC B . -2.08 -0.40 1.11
O4 JOC B . -3.37 -0.08 1.43
C30 JOC B . -3.79 -0.83 2.57
C28 JOC B . -1.89 -1.23 0.01
C27 JOC B . -0.64 -1.26 -0.59
C9 JOC B . 0.38 -0.45 -0.10
O5 JOC B . 1.64 -0.92 -0.26
C4 JOC B . -2.82 -2.21 -0.30
C3 JOC B . -2.08 -3.45 -0.77
C2 JOC B . -1.25 -3.11 -1.99
O2 JOC B . -0.47 -4.25 -2.36
C1 JOC B . -0.41 -2.05 -1.71
O3 JOC B . 0.56 -1.83 -2.43
O1 JOC B . -3.68 -1.74 -1.35
C1' JOC B . -5.05 -1.94 -0.98
O1' JOC B . -5.32 -3.35 -0.91
C5' JOC B . -4.94 -3.96 -2.15
C9' JOC B . -5.06 -5.47 -2.04
C4' JOC B . -5.85 -3.46 -3.26
C3' JOC B . -5.71 -1.95 -3.38
O2' JOC B . -4.38 -1.63 -3.82
C8' JOC B . -6.73 -1.42 -4.40
C2' JOC B . -5.96 -1.31 -2.02
O3' JOC B . -7.22 -3.78 -2.94
C6' JOC B . -7.67 -4.76 -3.77
O4' JOC B . -7.55 -4.73 -4.99
C7' JOC B . -8.36 -5.94 -3.08
H47 JOC B . 5.33 -3.42 5.08
H47A JOC B . 5.40 -4.21 3.48
H47B JOC B . 3.92 -3.35 3.98
HO43 JOC B . 3.25 -2.73 2.67
H43 JOC B . 5.38 -1.89 0.21
HO42 JOC B . 7.02 -2.59 1.85
H42 JOC B . 6.33 0.33 -0.22
H42A JOC B . 6.11 0.78 1.49
H45 JOC B . 4.91 0.51 2.94
H46A JOC B . 2.86 -1.46 3.80
H46B JOC B . 2.28 0.22 3.65
H46 JOC B . 3.66 -0.16 4.73
H41 JOC B . 3.90 0.06 -0.47
H1 JOC B . 1.65 4.40 -2.05
H17 JOC B . 0.68 4.34 -0.56
HCG JOC B . 4.69 3.71 -0.82
H12 JOC B . 3.57 2.41 2.58
H16 JOC B . 1.94 6.65 -0.11
H33A JOC B . 4.57 8.27 0.86
H33B JOC B . 5.02 6.68 1.53
H33 JOC B . 4.57 8.01 2.62
H32 JOC B . 3.23 6.24 -2.35
H32A JOC B . 4.42 7.54 -2.11
H32B JOC B . 2.76 7.72 -1.50
H11 JOC B . 1.65 3.73 3.41
H31A JOC B . -1.78 3.61 3.76
H31B JOC B . -0.16 4.30 3.54
H31 JOC B . -0.41 2.96 4.68
H5 JOC B . -2.39 1.49 2.90
H30A JOC B . -3.69 -0.24 3.48
H30B JOC B . -3.19 -1.73 2.66
H30 JOC B . -4.85 -1.11 2.44
HO5 JOC B . 1.89 -0.91 -1.23
H4 JOC B . -3.42 -2.43 0.57
H3A JOC B . -1.43 -3.80 0.03
H3 JOC B . -2.80 -4.23 -1.01
H2 JOC B . -1.92 -2.85 -2.83
HO2 JOC B . -0.87 -5.07 -1.94
H1' JOC B . -5.22 -1.47 -0.02
H5' JOC B . -3.91 -3.69 -2.39
H9'B JOC B . -4.07 -5.91 -1.89
H9' JOC B . -5.50 -5.88 -2.95
H9'A JOC B . -5.69 -5.73 -1.19
H4' JOC B . -5.58 -3.93 -4.20
HO2' JOC B . -4.17 -2.17 -4.63
H8' JOC B . -7.29 -2.26 -4.82
H8'A JOC B . -6.20 -0.89 -5.20
H8'B JOC B . -7.42 -0.73 -3.90
H2' JOC B . -5.78 -0.25 -2.08
H2'A JOC B . -7.00 -1.48 -1.74
H7' JOC B . -7.90 -6.10 -2.10
H7'A JOC B . -8.23 -6.84 -3.68
H7'B JOC B . -9.42 -5.72 -2.96
O44 JOC B . 5.03 -1.18 5.20
C48 JOC B . 5.01 -1.68 4.07
C47 JOC B . 4.97 -3.19 3.86
C44 JOC B . 5.05 -0.82 2.80
O43 JOC B . 5.96 -1.41 1.86
C43 JOC B . 5.52 0.58 3.15
O42 JOC B . 4.56 1.21 4.01
C42 JOC B . 5.66 1.39 1.87
C45 JOC B . 3.66 -0.76 2.19
C46 JOC B . 3.53 -1.84 1.12
O41 JOC B . 3.43 0.53 1.61
C41 JOC B . 4.60 0.95 0.87
O11 JOC B . 4.27 2.04 0.01
C13 JOC B . 3.00 2.60 0.39
C14 JOC B . 2.76 3.91 -0.35
C17 JOC B . 1.50 3.87 -1.21
O12 JOC B . 3.90 4.27 -1.15
C15 JOC B . 2.61 4.87 0.81
O8 JOC B . 3.61 4.38 1.70
C12 JOC B . 3.04 3.09 1.82
C16 JOC B . 2.77 6.33 0.39
O9 JOC B . 3.91 6.89 1.05
C33 JOC B . 3.51 7.46 2.29
O10 JOC B . 2.93 6.42 -1.03
C32 JOC B . 4.14 7.14 -1.31
O7 JOC B . 1.36 4.63 1.49
C11 JOC B . 1.64 3.46 2.28
C7 JOC B . 0.75 2.44 1.99
C6 JOC B . -0.45 2.38 2.70
C31 JOC B . -0.71 3.31 3.69
O6 JOC B . 1.93 1.69 0.11
C8 JOC B . 1.11 1.40 1.14
C25 JOC B . 0.24 0.34 0.94
C26 JOC B . -0.96 0.27 1.65
C5 JOC B . -1.30 1.29 2.53
C10 JOC B . -1.94 -0.62 1.22
O4 JOC B . -3.18 -0.48 1.75
C30 JOC B . -4.05 0.18 0.82
C28 JOC B . -1.83 -1.29 0.01
C27 JOC B . -0.62 -1.26 -0.67
C9 JOC B . 0.41 -0.45 -0.19
O5 JOC B . 1.67 -0.88 -0.44
C4 JOC B . -2.76 -2.28 -0.33
C3 JOC B . -2.01 -3.49 -0.86
C2 JOC B . -1.24 -3.10 -2.11
O2 JOC B . -0.43 -4.19 -2.52
C1 JOC B . -0.43 -1.99 -1.84
O3 JOC B . 0.47 -1.70 -2.60
O1 JOC B . -3.64 -1.78 -1.33
C1' JOC B . -4.98 -2.16 -1.02
O1' JOC B . -5.13 -3.59 -1.05
C5' JOC B . -4.70 -4.07 -2.33
C9' JOC B . -4.69 -5.60 -2.34
C4' JOC B . -5.66 -3.57 -3.40
C3' JOC B . -5.64 -2.04 -3.42
O2' JOC B . -4.35 -1.59 -3.82
C8' JOC B . -6.70 -1.53 -4.39
C2' JOC B . -5.94 -1.54 -2.01
O3' JOC B . -6.99 -4.02 -3.11
C6' JOC B . -7.07 -4.32 -1.78
O4' JOC B . -7.02 -3.47 -0.89
C7' JOC B . -7.26 -5.80 -1.46
H47 JOC B . 5.88 -3.50 3.34
H47A JOC B . 4.10 -3.45 3.24
H47B JOC B . 4.91 -3.70 4.82
HO43 JOC B . 6.36 -2.23 2.26
H43 JOC B . 6.48 0.53 3.65
HO42 JOC B . 3.90 0.52 4.34
H42 JOC B . 6.65 1.22 1.44
H42A JOC B . 5.55 2.45 2.08
H45 JOC B . 2.92 -0.94 2.97
H46A JOC B . 4.32 -2.59 1.26
H46B JOC B . 3.64 -1.39 0.13
H46 JOC B . 2.56 -2.32 1.20
H41 JOC B . 4.97 0.12 0.28
H1 JOC B . 1.69 4.41 -2.14
H17 JOC B . 0.69 4.37 -0.66
HCG JOC B . 3.72 4.06 -2.11
H12 JOC B . 3.57 2.42 2.51
H16 JOC B . 1.88 6.89 0.69
H33A JOC B . 2.77 8.24 2.11
H33B JOC B . 4.37 7.91 2.78
H33 JOC B . 3.08 6.70 2.94
H32 JOC B . 4.12 8.10 -0.80
H32A JOC B . 4.23 7.29 -2.38
H32B JOC B . 5.00 6.56 -0.96
H11 JOC B . 1.64 3.70 3.34
H31A JOC B . -0.17 4.24 3.47
H31B JOC B . -0.39 2.93 4.66
H31 JOC B . -1.78 3.52 3.72
H5 JOC B . -2.27 1.28 3.01
H30A JOC B . -5.06 -0.22 0.91
H30B JOC B . -3.69 0.03 -0.19
H30 JOC B . -4.07 1.25 1.04
HO5 JOC B . 1.85 -0.83 -1.42
H4 JOC B . -3.33 -2.56 0.56
H3A JOC B . -1.31 -3.85 -0.09
H3 JOC B . -2.71 -4.28 -1.09
H2 JOC B . -1.95 -2.85 -2.90
HO2 JOC B . -0.15 -4.73 -1.72
H1' JOC B . -5.23 -1.81 -0.01
H5' JOC B . -3.69 -3.69 -2.55
H9'B JOC B . -4.90 -5.96 -1.34
H9' JOC B . -3.70 -5.95 -2.65
H9'A JOC B . -5.44 -5.97 -3.03
H4' JOC B . -5.35 -3.95 -4.38
HO2' JOC B . -4.05 -2.08 -4.64
H8' JOC B . -6.30 -0.69 -4.96
H8'A JOC B . -7.58 -1.21 -3.83
H8'B JOC B . -6.98 -2.33 -5.09
H2' JOC B . -5.84 -0.45 -1.99
H2'A JOC B . -6.96 -1.81 -1.74
H7' JOC B . -7.05 -6.39 -2.34
H7'A JOC B . -8.29 -5.98 -1.14
H7'B JOC B . -6.57 -6.08 -0.65
O44 JOC B . 7.54 -2.05 3.16
C48 JOC B . 6.32 -2.01 3.26
C47 JOC B . 5.55 -2.95 4.20
C44 JOC B . 5.46 -1.07 2.42
O43 JOC B . 4.10 -1.51 2.45
C43 JOC B . 5.95 -1.08 0.99
O42 JOC B . 7.28 -0.54 0.93
C42 JOC B . 5.02 -0.23 0.13
C45 JOC B . 5.56 0.34 2.99
C46 JOC B . 4.40 0.57 3.96
O41 JOC B . 5.49 1.30 1.92
C41 JOC B . 4.49 0.93 0.96
O11 JOC B . 4.18 2.03 0.11
C13 JOC B . 2.91 2.59 0.46
C14 JOC B . 2.69 3.90 -0.28
C17 JOC B . 1.44 3.86 -1.15
O12 JOC B . 3.84 4.26 -1.06
C15 JOC B . 2.50 4.87 0.87
O8 JOC B . 3.52 4.40 1.77
C12 JOC B . 2.94 3.09 1.90
C16 JOC B . 2.66 6.32 0.45
O9 JOC B . 3.63 6.96 1.30
C33 JOC B . 3.19 8.29 1.60
O10 JOC B . 3.10 6.39 -0.91
C32 JOC B . 4.46 6.84 -0.94
O7 JOC B . 1.26 4.62 1.55
C11 JOC B . 1.54 3.46 2.35
C7 JOC B . 0.66 2.42 2.08
C6 JOC B . -0.54 2.36 2.76
C31 JOC B . -0.81 3.29 3.76
O6 JOC B . 1.84 1.69 0.18
C8 JOC B . 1.03 1.39 1.22
C25 JOC B . 0.16 0.33 1.01
C26 JOC B . -1.04 0.25 1.71
C5 JOC B . -1.39 1.27 2.58
C10 JOC B . -2.01 -0.63 1.27
O4 JOC B . -3.27 -0.50 1.79
C30 JOC B . -4.14 0.12 0.84
C28 JOC B . -1.90 -1.31 0.07
C27 JOC B . -0.69 -1.28 -0.61
C9 JOC B . 0.33 -0.47 -0.13
O5 JOC B . 1.61 -0.88 -0.37
C4 JOC B . -2.81 -2.31 -0.28
C3 JOC B . -2.05 -3.51 -0.79
C2 JOC B . -1.28 -3.12 -2.04
O2 JOC B . -0.45 -4.22 -2.44
C1 JOC B . -0.48 -2.01 -1.78
O3 JOC B . 0.42 -1.71 -2.54
O1 JOC B . -3.70 -1.83 -1.29
C1' JOC B . -5.03 -2.24 -1.00
O1' JOC B . -5.14 -3.68 -1.05
C5' JOC B . -4.68 -4.13 -2.34
C9' JOC B . -4.64 -5.66 -2.35
C4' JOC B . -5.65 -3.64 -3.41
C3' JOC B . -5.67 -2.12 -3.41
O2' JOC B . -4.37 -1.62 -3.79
C8' JOC B . -6.71 -1.62 -4.39
C2' JOC B . -6.00 -1.63 -2.00
O3' JOC B . -6.97 -4.13 -3.13
C6' JOC B . -7.06 -4.43 -1.81
O4' JOC B . -7.04 -3.60 -0.91
C7' JOC B . -7.21 -5.92 -1.51
H47 JOC B . 4.50 -2.66 4.23
H47A JOC B . 5.97 -2.86 5.21
H47B JOC B . 5.65 -3.97 3.86
HO43 JOC B . 4.06 -2.50 2.55
H43 JOC B . 5.95 -2.10 0.61
HO42 JOC B . 7.91 -1.15 1.41
H42 JOC B . 4.18 -0.84 -0.21
H42A JOC B . 5.56 0.16 -0.73
H45 JOC B . 6.50 0.45 3.52
H46A JOC B . 4.31 -0.28 4.63
H46B JOC B . 3.47 0.69 3.40
H46 JOC B . 4.58 1.47 4.54
H41 JOC B . 3.58 0.61 1.48
H1 JOC B . 1.63 4.39 -2.08
H17 JOC B . 0.62 4.36 -0.63
HCG JOC B . 3.78 3.82 -1.95
H12 JOC B . 3.47 2.43 2.59
H16 JOC B . 1.71 6.83 0.55
H33A JOC B . 4.04 8.97 1.56
H33B JOC B . 2.76 8.31 2.60
H33 JOC B . 2.43 8.60 0.87
H32 JOC B . 5.02 6.36 -0.14
H32A JOC B . 4.49 7.93 -0.79
H32B JOC B . 4.91 6.59 -1.90
H11 JOC B . 1.52 3.70 3.41
H31A JOC B . -1.89 3.49 3.79
H31B JOC B . -0.29 4.22 3.54
H31 JOC B . -0.49 2.90 4.72
H5 JOC B . -2.37 1.26 3.06
H30A JOC B . -3.76 -0.04 -0.17
H30B JOC B . -4.19 1.19 1.04
H30 JOC B . -5.13 -0.31 0.92
HO5 JOC B . 1.78 -0.84 -1.35
H4 JOC B . -3.39 -2.59 0.61
H3A JOC B . -1.35 -3.86 -0.03
H3 JOC B . -2.75 -4.32 -1.03
H2 JOC B . -1.97 -2.88 -2.85
HO2 JOC B . -0.96 -5.06 -2.38
H1' JOC B . -5.30 -1.90 0.00
H5' JOC B . -3.68 -3.73 -2.53
H9'B JOC B . -5.37 -6.04 -3.06
H9' JOC B . -4.85 -6.04 -1.35
H9'A JOC B . -3.64 -5.98 -2.65
H4' JOC B . -5.31 -4.00 -4.38
HO2' JOC B . -4.06 -2.09 -4.61
H8' JOC B . -6.23 -1.11 -5.23
H8'A JOC B . -7.38 -0.91 -3.89
H8'B JOC B . -7.30 -2.46 -4.77
H2' JOC B . -5.92 -0.54 -1.97
H2'A JOC B . -7.01 -1.93 -1.74
H7' JOC B . -6.98 -6.51 -2.40
H7'A JOC B . -8.24 -6.13 -1.20
H7'B JOC B . -6.53 -6.20 -0.70
O44 JOC B . 5.86 -3.20 3.57
C48 JOC B . 6.31 -2.17 3.08
C47 JOC B . 7.76 -1.72 3.33
C44 JOC B . 5.47 -1.24 2.21
O43 JOC B . 4.20 -1.86 1.95
C43 JOC B . 6.19 -0.99 0.89
O42 JOC B . 7.41 -0.27 1.14
C42 JOC B . 5.29 -0.16 -0.02
C45 JOC B . 5.25 0.08 2.94
C46 JOC B . 3.91 0.03 3.65
O41 JOC B . 5.27 1.17 2.00
C41 JOC B . 4.51 0.83 0.84
O11 JOC B . 4.24 2.01 0.07
C13 JOC B . 2.97 2.56 0.44
C14 JOC B . 2.73 3.87 -0.31
C17 JOC B . 1.45 3.84 -1.13
O12 JOC B . 3.86 4.22 -1.12
C15 JOC B . 2.60 4.84 0.85
O8 JOC B . 3.61 4.36 1.75
C12 JOC B . 3.01 3.05 1.88
C16 JOC B . 2.78 6.30 0.43
O9 JOC B . 3.22 6.33 -0.93
C33 JOC B . 4.60 6.68 -0.97
O10 JOC B . 1.54 7.00 0.55
C32 JOC B . 1.81 8.38 0.80
O7 JOC B . 1.36 4.61 1.55
C11 JOC B . 1.62 3.44 2.34
C7 JOC B . 0.72 2.43 2.05
C6 JOC B . -0.51 2.43 2.68
C31 JOC B . -0.77 3.35 3.69
O6 JOC B . 1.90 1.65 0.16
C8 JOC B . 1.08 1.38 1.22
C25 JOC B . 0.16 0.36 0.96
C26 JOC B . -1.09 0.38 1.55
C5 JOC B . -1.42 1.40 2.44
C10 JOC B . -2.09 -0.46 1.08
O4 JOC B . -3.38 -0.14 1.39
C30 JOC B . -3.74 -0.69 2.66
C28 JOC B . -1.88 -1.28 -0.02
C27 JOC B . -0.63 -1.31 -0.61
C9 JOC B . 0.38 -0.49 -0.12
O5 JOC B . 1.65 -0.95 -0.27
C4 JOC B . -2.83 -2.24 -0.36
C3 JOC B . -2.10 -3.49 -0.84
C2 JOC B . -1.26 -3.14 -2.05
O2 JOC B . -0.48 -4.27 -2.44
C1 JOC B . -0.40 -2.09 -1.74
O3 JOC B . 0.59 -1.87 -2.44
O1 JOC B . -3.68 -1.76 -1.40
C1' JOC B . -5.04 -2.10 -1.09
O1' JOC B . -5.21 -3.52 -1.16
C5' JOC B . -4.79 -3.99 -2.46
C9' JOC B . -4.84 -5.52 -2.48
C4' JOC B . -5.74 -3.44 -3.52
C3' JOC B . -5.67 -1.93 -3.50
O2' JOC B . -4.35 -1.51 -3.89
C8' JOC B . -6.69 -1.36 -4.49
C2' JOC B . -5.97 -1.42 -2.10
O3' JOC B . -7.08 -3.86 -3.23
C6' JOC B . -7.58 -4.55 -4.29
O4' JOC B . -7.47 -4.18 -5.46
C7' JOC B . -8.31 -5.84 -3.94
H47 JOC B . 8.42 -2.15 2.58
H47A JOC B . 8.08 -2.06 4.32
H47B JOC B . 7.82 -0.63 3.28
HO43 JOC B . 4.10 -2.67 2.52
H43 JOC B . 6.41 -1.94 0.41
HO42 JOC B . 7.21 0.68 1.34
H42 JOC B . 4.60 -0.81 -0.55
H42A JOC B . 5.90 0.39 -0.73
H45 JOC B . 6.05 0.22 3.67
H46A JOC B . 3.11 0.25 2.94
H46B JOC B . 3.90 0.78 4.45
H46 JOC B . 3.76 -0.96 4.09
H41 JOC B . 3.56 0.37 1.13
H1 JOC B . 1.62 4.36 -2.06
H17 JOC B . 0.66 4.35 -0.58
HCG JOC B . 4.43 3.40 -1.26
H12 JOC B . 3.54 2.38 2.57
H16 JOC B . 3.53 6.76 1.07
H33A JOC B . 5.18 5.92 -0.43
H33B JOC B . 4.75 7.65 -0.50
H33 JOC B . 4.94 6.72 -2.01
H32 JOC B . 2.60 8.73 0.14
H32A JOC B . 2.13 8.50 1.84
H32B JOC B . 0.91 8.96 0.63
H11 JOC B . 1.62 3.69 3.40
H31A JOC B . -1.83 3.60 3.69
H31B JOC B . -0.19 4.25 3.52
H31 JOC B . -0.51 2.92 4.65
H5 JOC B . -2.42 1.45 2.86
H30A JOC B . -4.39 0.00 3.19
H30B JOC B . -2.83 -0.86 3.25
H30 JOC B . -4.26 -1.64 2.51
HO5 JOC B . 1.89 -0.94 -1.24
H4 JOC B . -3.42 -2.49 0.52
H3A JOC B . -1.45 -3.85 -0.04
H3 JOC B . -2.82 -4.26 -1.10
H2 JOC B . -1.91 -2.84 -2.87
HO2 JOC B . -0.47 -4.93 -1.68
H1' JOC B . -5.28 -1.74 -0.09
H5' JOC B . -3.78 -3.65 -2.66
H9'B JOC B . -4.55 -5.88 -3.46
H9' JOC B . -5.84 -5.87 -2.25
H9'A JOC B . -4.14 -5.92 -1.74
H4' JOC B . -5.44 -3.81 -4.50
HO2' JOC B . -4.05 -2.04 -4.68
H8' JOC B . -6.43 -0.33 -4.74
H8'A JOC B . -7.68 -1.37 -4.03
H8'B JOC B . -6.71 -1.97 -5.40
H2' JOC B . -5.83 -0.35 -2.06
H2'A JOC B . -7.00 -1.67 -1.84
H7' JOC B . -8.61 -5.82 -2.89
H7'A JOC B . -7.64 -6.69 -4.10
H7'B JOC B . -9.19 -5.95 -4.57
#